data_8RYD
#
_entry.id   8RYD
#
_cell.length_a   141.500
_cell.length_b   84.150
_cell.length_c   94.340
_cell.angle_alpha   90.00
_cell.angle_beta   90.00
_cell.angle_gamma   90.00
#
_symmetry.space_group_name_H-M   'P 21 21 2'
#
loop_
_entity.id
_entity.type
_entity.pdbx_description
1 polymer 'Class I SAM-dependent methyltransferase'
2 non-polymer S-ADENOSYL-L-HOMOCYSTEINE
3 water water
#
_entity_poly.entity_id   1
_entity_poly.type   'polypeptide(L)'
_entity_poly.pdbx_seq_one_letter_code
;SQNMDLTIGTHRESAFYELEFGPRTIMTLANFPDDVLPLLQMESLMTFEAMAYLRCDALVELGCYDGRALEIARLLNARY
LGVDLDQRAIETLRTRIEREGMSDRADTVVDDILNHTRRGASVGSRALYLLPFNLLGNFREPKRLLDSLAERSVAAVVSV
FGDSAEATRVRQSYYRRCGVQGLELHTRDDGTVFTGSDGFYSRSYSRACLHALLAECGLTVVRSASNLFAHCVTVLPEGA
DQGFGSSAA
;
_entity_poly.pdbx_strand_id   A,B,C,D
#
loop_
_chem_comp.id
_chem_comp.type
_chem_comp.name
_chem_comp.formula
SAH non-polymer S-ADENOSYL-L-HOMOCYSTEINE 'C14 H20 N6 O5 S'
#
# COMPACT_ATOMS: atom_id res chain seq x y z
N ALA A 15 -25.22 1.82 -36.08
CA ALA A 15 -24.72 1.28 -37.38
C ALA A 15 -24.00 -0.05 -37.16
N PHE A 16 -22.98 -0.06 -36.30
CA PHE A 16 -22.13 -1.23 -35.98
C PHE A 16 -22.96 -2.34 -35.31
N TYR A 17 -23.84 -1.95 -34.38
CA TYR A 17 -24.64 -2.88 -33.53
C TYR A 17 -25.90 -3.35 -34.26
N GLU A 18 -26.11 -2.89 -35.50
CA GLU A 18 -27.17 -3.39 -36.42
C GLU A 18 -26.64 -4.60 -37.20
N LEU A 19 -25.34 -4.87 -37.13
CA LEU A 19 -24.70 -6.09 -37.71
C LEU A 19 -25.14 -7.30 -36.90
N GLU A 20 -25.14 -8.49 -37.51
CA GLU A 20 -25.67 -9.76 -36.94
C GLU A 20 -24.93 -10.08 -35.62
N PHE A 21 -23.59 -10.18 -35.67
CA PHE A 21 -22.72 -10.52 -34.51
C PHE A 21 -21.92 -9.29 -34.10
N GLY A 22 -22.55 -8.10 -34.15
CA GLY A 22 -21.96 -6.83 -33.68
C GLY A 22 -22.05 -6.71 -32.15
N PRO A 23 -23.27 -6.79 -31.57
CA PRO A 23 -23.43 -6.80 -30.11
C PRO A 23 -22.76 -8.00 -29.42
N ARG A 24 -22.91 -9.21 -29.99
CA ARG A 24 -22.38 -10.48 -29.41
C ARG A 24 -20.88 -10.33 -29.15
N THR A 25 -20.09 -10.03 -30.19
CA THR A 25 -18.60 -9.99 -30.16
C THR A 25 -18.12 -8.99 -29.11
N ILE A 26 -18.87 -7.91 -28.88
CA ILE A 26 -18.52 -6.82 -27.93
C ILE A 26 -18.88 -7.22 -26.49
N MET A 27 -20.00 -7.94 -26.30
CA MET A 27 -20.63 -8.16 -24.96
C MET A 27 -20.30 -9.55 -24.40
N THR A 28 -19.78 -10.48 -25.20
CA THR A 28 -19.43 -11.86 -24.78
C THR A 28 -18.25 -11.79 -23.80
N LEU A 29 -18.38 -12.40 -22.61
CA LEU A 29 -17.37 -12.39 -21.52
C LEU A 29 -16.08 -13.07 -21.98
N ALA A 30 -16.14 -13.95 -22.99
CA ALA A 30 -14.99 -14.65 -23.60
C ALA A 30 -13.97 -13.63 -24.13
N ASN A 31 -14.42 -12.46 -24.59
CA ASN A 31 -13.58 -11.41 -25.23
C ASN A 31 -13.19 -10.33 -24.20
N PHE A 32 -13.52 -10.52 -22.93
CA PHE A 32 -13.29 -9.54 -21.84
C PHE A 32 -11.92 -9.79 -21.18
N PRO A 33 -10.99 -8.81 -21.21
CA PRO A 33 -9.82 -8.84 -20.33
C PRO A 33 -10.24 -8.76 -18.85
N ASP A 34 -9.37 -9.21 -17.94
CA ASP A 34 -9.64 -9.29 -16.48
C ASP A 34 -9.79 -7.88 -15.89
N ASP A 35 -9.20 -6.86 -16.53
CA ASP A 35 -9.15 -5.46 -16.04
C ASP A 35 -10.43 -4.70 -16.44
N VAL A 36 -11.39 -5.36 -17.09
CA VAL A 36 -12.72 -4.79 -17.46
C VAL A 36 -13.67 -4.88 -16.26
N LEU A 37 -13.50 -5.90 -15.41
CA LEU A 37 -14.44 -6.25 -14.31
C LEU A 37 -14.57 -5.10 -13.31
N PRO A 38 -13.47 -4.44 -12.89
CA PRO A 38 -13.56 -3.27 -12.00
C PRO A 38 -14.57 -2.21 -12.46
N LEU A 39 -14.58 -1.89 -13.76
CA LEU A 39 -15.51 -0.93 -14.40
C LEU A 39 -16.95 -1.40 -14.17
N LEU A 40 -17.22 -2.69 -14.40
CA LEU A 40 -18.56 -3.31 -14.33
C LEU A 40 -19.05 -3.37 -12.88
N GLN A 41 -18.14 -3.62 -11.93
CA GLN A 41 -18.46 -3.70 -10.48
C GLN A 41 -18.78 -2.30 -9.94
N MET A 42 -17.99 -1.30 -10.30
CA MET A 42 -18.12 0.10 -9.83
C MET A 42 -19.51 0.64 -10.24
N GLU A 43 -19.91 0.44 -11.49
CA GLU A 43 -21.19 0.96 -12.05
C GLU A 43 -22.37 0.22 -11.40
N SER A 44 -22.21 -1.07 -11.10
CA SER A 44 -23.22 -1.95 -10.48
C SER A 44 -23.57 -1.42 -9.08
N LEU A 45 -22.56 -1.08 -8.28
CA LEU A 45 -22.69 -0.58 -6.89
C LEU A 45 -23.26 0.84 -6.91
N MET A 46 -22.80 1.68 -7.85
CA MET A 46 -23.28 3.08 -8.07
C MET A 46 -24.78 3.06 -8.39
N THR A 47 -25.18 2.23 -9.37
CA THR A 47 -26.58 2.04 -9.82
C THR A 47 -27.44 1.60 -8.63
N PHE A 48 -27.02 0.53 -7.95
CA PHE A 48 -27.70 -0.10 -6.79
C PHE A 48 -28.03 0.94 -5.72
N GLU A 49 -27.04 1.77 -5.37
CA GLU A 49 -27.14 2.76 -4.26
C GLU A 49 -27.97 3.97 -4.71
N ALA A 50 -27.81 4.39 -5.98
CA ALA A 50 -28.57 5.50 -6.61
C ALA A 50 -30.06 5.16 -6.61
N MET A 51 -30.41 3.90 -6.90
CA MET A 51 -31.81 3.38 -6.89
C MET A 51 -32.41 3.55 -5.49
N ALA A 52 -31.65 3.18 -4.46
CA ALA A 52 -32.08 3.18 -3.03
C ALA A 52 -32.29 4.62 -2.56
N TYR A 53 -31.29 5.48 -2.69
CA TYR A 53 -31.27 6.86 -2.14
C TYR A 53 -32.34 7.72 -2.82
N LEU A 54 -32.43 7.64 -4.16
CA LEU A 54 -33.36 8.46 -4.99
C LEU A 54 -34.74 7.78 -5.08
N ARG A 55 -34.92 6.64 -4.42
CA ARG A 55 -36.22 5.91 -4.31
C ARG A 55 -36.78 5.65 -5.71
N CYS A 56 -35.94 5.11 -6.61
CA CYS A 56 -36.33 4.72 -8.00
C CYS A 56 -36.95 3.32 -7.97
N ASP A 57 -38.24 3.22 -8.27
CA ASP A 57 -39.03 1.96 -8.24
C ASP A 57 -38.79 1.16 -9.54
N ALA A 58 -38.10 1.75 -10.52
CA ALA A 58 -37.81 1.14 -11.84
C ALA A 58 -36.35 1.38 -12.23
N LEU A 59 -35.78 0.48 -13.05
CA LEU A 59 -34.43 0.58 -13.65
C LEU A 59 -34.55 0.36 -15.17
N VAL A 60 -34.09 1.33 -15.97
CA VAL A 60 -34.12 1.25 -17.46
C VAL A 60 -32.67 1.17 -17.97
N GLU A 61 -32.18 -0.05 -18.19
CA GLU A 61 -30.82 -0.33 -18.72
C GLU A 61 -30.83 -0.15 -20.25
N LEU A 62 -30.22 0.92 -20.75
CA LEU A 62 -30.04 1.18 -22.21
C LEU A 62 -28.83 0.38 -22.69
N GLY A 63 -29.04 -0.54 -23.65
CA GLY A 63 -28.00 -1.49 -24.10
C GLY A 63 -27.75 -2.56 -23.06
N CYS A 64 -28.79 -3.29 -22.69
CA CYS A 64 -28.81 -4.32 -21.61
C CYS A 64 -28.11 -5.60 -22.06
N TYR A 65 -28.20 -5.92 -23.36
CA TYR A 65 -27.75 -7.20 -23.98
C TYR A 65 -28.61 -8.35 -23.42
N ASP A 66 -28.11 -9.10 -22.43
CA ASP A 66 -28.82 -10.25 -21.82
C ASP A 66 -29.22 -9.89 -20.39
N GLY A 67 -29.49 -8.61 -20.13
CA GLY A 67 -29.85 -8.08 -18.80
C GLY A 67 -28.66 -8.05 -17.86
N ARG A 68 -27.71 -7.14 -18.09
CA ARG A 68 -26.44 -7.04 -17.32
C ARG A 68 -26.69 -6.32 -15.98
N ALA A 69 -27.87 -5.70 -15.80
CA ALA A 69 -28.28 -4.98 -14.58
C ALA A 69 -29.66 -5.46 -14.10
N LEU A 70 -30.06 -6.68 -14.44
CA LEU A 70 -31.35 -7.29 -14.03
C LEU A 70 -31.28 -7.67 -12.54
N GLU A 71 -30.12 -8.13 -12.08
CA GLU A 71 -29.90 -8.63 -10.69
C GLU A 71 -30.01 -7.45 -9.70
N ILE A 72 -29.64 -6.24 -10.14
CA ILE A 72 -29.75 -4.99 -9.32
C ILE A 72 -31.24 -4.73 -9.03
N ALA A 73 -32.06 -4.66 -10.09
CA ALA A 73 -33.52 -4.44 -10.04
C ALA A 73 -34.20 -5.57 -9.26
N ARG A 74 -33.68 -6.81 -9.40
CA ARG A 74 -34.23 -8.03 -8.75
C ARG A 74 -34.09 -7.92 -7.23
N LEU A 75 -32.89 -7.57 -6.74
CA LEU A 75 -32.54 -7.57 -5.29
C LEU A 75 -33.13 -6.36 -4.57
N LEU A 76 -33.54 -5.32 -5.31
CA LEU A 76 -34.24 -4.13 -4.77
C LEU A 76 -35.76 -4.29 -4.93
N ASN A 77 -36.21 -5.38 -5.56
CA ASN A 77 -37.63 -5.69 -5.85
C ASN A 77 -38.24 -4.55 -6.68
N ALA A 78 -37.43 -3.93 -7.54
CA ALA A 78 -37.81 -2.80 -8.43
C ALA A 78 -38.23 -3.35 -9.79
N ARG A 79 -38.85 -2.50 -10.62
CA ARG A 79 -39.20 -2.81 -12.04
C ARG A 79 -37.92 -2.76 -12.87
N TYR A 80 -37.92 -3.47 -14.01
CA TYR A 80 -36.79 -3.52 -14.97
C TYR A 80 -37.31 -3.40 -16.40
N LEU A 81 -36.57 -2.69 -17.26
CA LEU A 81 -36.76 -2.67 -18.73
C LEU A 81 -35.38 -2.73 -19.40
N GLY A 82 -35.14 -3.76 -20.22
CA GLY A 82 -33.91 -3.95 -20.99
C GLY A 82 -34.10 -3.58 -22.45
N VAL A 83 -33.39 -2.54 -22.91
CA VAL A 83 -33.42 -2.02 -24.32
C VAL A 83 -32.11 -2.41 -25.00
N ASP A 84 -32.18 -3.11 -26.14
CA ASP A 84 -31.02 -3.49 -26.98
C ASP A 84 -31.50 -3.85 -28.38
N LEU A 85 -30.60 -3.83 -29.37
CA LEU A 85 -30.90 -4.17 -30.80
C LEU A 85 -30.74 -5.68 -31.01
N ASP A 86 -29.84 -6.33 -30.28
CA ASP A 86 -29.58 -7.80 -30.36
C ASP A 86 -30.83 -8.56 -29.92
N GLN A 87 -31.51 -9.23 -30.85
CA GLN A 87 -32.76 -10.01 -30.60
C GLN A 87 -32.41 -11.30 -29.84
N ARG A 88 -31.29 -11.95 -30.18
CA ARG A 88 -30.82 -13.21 -29.55
C ARG A 88 -30.53 -12.98 -28.06
N ALA A 89 -29.91 -11.85 -27.72
CA ALA A 89 -29.54 -11.47 -26.34
C ALA A 89 -30.81 -11.12 -25.54
N ILE A 90 -31.77 -10.45 -26.17
CA ILE A 90 -33.09 -10.07 -25.56
C ILE A 90 -33.91 -11.35 -25.32
N GLU A 91 -33.76 -12.37 -26.17
CA GLU A 91 -34.44 -13.68 -26.04
C GLU A 91 -33.90 -14.43 -24.81
N THR A 92 -32.59 -14.32 -24.55
CA THR A 92 -31.92 -14.87 -23.33
C THR A 92 -32.52 -14.20 -22.09
N LEU A 93 -32.73 -12.88 -22.15
CA LEU A 93 -33.25 -12.04 -21.04
C LEU A 93 -34.72 -12.39 -20.77
N ARG A 94 -35.52 -12.63 -21.83
CA ARG A 94 -36.96 -13.00 -21.72
C ARG A 94 -37.09 -14.35 -21.01
N THR A 95 -36.32 -15.35 -21.44
CA THR A 95 -36.28 -16.72 -20.84
C THR A 95 -35.78 -16.63 -19.39
N ARG A 96 -34.84 -15.71 -19.12
CA ARG A 96 -34.23 -15.49 -17.77
C ARG A 96 -35.28 -14.89 -16.83
N ILE A 97 -35.99 -13.86 -17.29
CA ILE A 97 -37.07 -13.15 -16.53
C ILE A 97 -38.15 -14.17 -16.13
N GLU A 98 -38.50 -15.10 -17.04
CA GLU A 98 -39.52 -16.15 -16.82
C GLU A 98 -39.04 -17.14 -15.75
N ARG A 99 -37.80 -17.64 -15.89
CA ARG A 99 -37.20 -18.66 -14.97
C ARG A 99 -37.01 -18.06 -13.57
N GLU A 100 -36.54 -16.81 -13.50
CA GLU A 100 -36.33 -16.06 -12.22
C GLU A 100 -37.70 -15.73 -11.59
N GLY A 101 -38.74 -15.59 -12.42
CA GLY A 101 -40.13 -15.31 -11.99
C GLY A 101 -40.37 -13.83 -11.79
N MET A 102 -39.86 -13.00 -12.72
CA MET A 102 -39.97 -11.51 -12.68
C MET A 102 -40.86 -11.03 -13.82
N SER A 103 -41.63 -11.94 -14.44
CA SER A 103 -42.49 -11.67 -15.63
C SER A 103 -43.46 -10.53 -15.35
N ASP A 104 -43.83 -10.30 -14.09
CA ASP A 104 -44.82 -9.28 -13.65
C ASP A 104 -44.14 -7.92 -13.49
N ARG A 105 -42.83 -7.87 -13.18
CA ARG A 105 -42.09 -6.62 -12.86
C ARG A 105 -40.81 -6.51 -13.70
N ALA A 106 -40.75 -7.17 -14.86
CA ALA A 106 -39.61 -7.09 -15.81
C ALA A 106 -40.10 -7.24 -17.25
N ASP A 107 -39.52 -6.47 -18.17
CA ASP A 107 -39.90 -6.44 -19.61
C ASP A 107 -38.63 -6.16 -20.45
N THR A 108 -38.72 -6.40 -21.76
CA THR A 108 -37.64 -6.14 -22.74
C THR A 108 -38.25 -5.57 -24.04
N VAL A 109 -37.49 -4.72 -24.74
CA VAL A 109 -37.86 -4.18 -26.09
C VAL A 109 -36.63 -4.27 -27.00
N VAL A 110 -36.83 -4.71 -28.25
CA VAL A 110 -35.81 -4.69 -29.34
C VAL A 110 -35.98 -3.38 -30.12
N ASP A 111 -35.16 -2.38 -29.81
CA ASP A 111 -35.28 -1.00 -30.38
C ASP A 111 -33.98 -0.22 -30.14
N ASP A 112 -33.74 0.80 -30.97
CA ASP A 112 -32.70 1.83 -30.77
C ASP A 112 -33.01 2.57 -29.47
N ILE A 113 -32.02 2.77 -28.59
CA ILE A 113 -32.21 3.38 -27.24
C ILE A 113 -32.74 4.81 -27.39
N LEU A 114 -32.32 5.52 -28.44
CA LEU A 114 -32.75 6.92 -28.74
C LEU A 114 -34.25 6.95 -29.04
N ASN A 115 -34.78 5.91 -29.71
CA ASN A 115 -36.24 5.77 -30.01
C ASN A 115 -37.02 5.67 -28.70
N HIS A 116 -36.55 4.84 -27.76
CA HIS A 116 -37.18 4.60 -26.43
C HIS A 116 -37.20 5.91 -25.61
N THR A 117 -36.03 6.54 -25.45
CA THR A 117 -35.81 7.74 -24.60
C THR A 117 -36.66 8.91 -25.11
N ARG A 118 -36.92 8.98 -26.42
CA ARG A 118 -37.66 10.08 -27.08
C ARG A 118 -39.16 9.81 -27.05
N ARG A 119 -39.60 8.65 -27.56
CA ARG A 119 -41.02 8.36 -27.90
C ARG A 119 -41.63 7.31 -26.97
N GLY A 120 -40.82 6.56 -26.22
CA GLY A 120 -41.26 5.45 -25.35
C GLY A 120 -42.10 5.93 -24.18
N ALA A 121 -42.79 5.00 -23.50
CA ALA A 121 -43.64 5.24 -22.31
C ALA A 121 -42.80 5.12 -21.03
N SER A 122 -43.27 5.72 -19.94
CA SER A 122 -42.61 5.71 -18.61
C SER A 122 -42.63 4.30 -18.01
N VAL A 123 -41.53 3.90 -17.35
CA VAL A 123 -41.41 2.64 -16.58
C VAL A 123 -41.49 2.99 -15.09
N GLY A 124 -42.62 2.67 -14.44
CA GLY A 124 -42.89 3.00 -13.03
C GLY A 124 -43.04 4.49 -12.82
N SER A 125 -43.09 4.93 -11.55
CA SER A 125 -43.28 6.35 -11.15
C SER A 125 -41.96 7.11 -11.27
N ARG A 126 -40.88 6.57 -10.69
CA ARG A 126 -39.51 7.14 -10.72
C ARG A 126 -38.54 6.09 -11.25
N ALA A 127 -38.04 6.27 -12.47
CA ALA A 127 -37.11 5.33 -13.17
C ALA A 127 -35.70 5.90 -13.18
N LEU A 128 -34.70 5.05 -12.91
CA LEU A 128 -33.25 5.35 -13.10
C LEU A 128 -32.81 4.78 -14.45
N TYR A 129 -32.11 5.58 -15.25
CA TYR A 129 -31.62 5.21 -16.60
C TYR A 129 -30.12 4.93 -16.55
N LEU A 130 -29.73 3.65 -16.68
CA LEU A 130 -28.32 3.19 -16.69
C LEU A 130 -27.81 3.19 -18.14
N LEU A 131 -26.64 3.78 -18.36
CA LEU A 131 -25.88 3.76 -19.64
C LEU A 131 -24.58 2.99 -19.40
N PRO A 132 -24.63 1.63 -19.38
CA PRO A 132 -23.52 0.81 -18.90
C PRO A 132 -22.38 0.58 -19.90
N PHE A 133 -21.19 0.27 -19.37
CA PHE A 133 -20.03 -0.29 -20.12
C PHE A 133 -19.69 0.61 -21.31
N ASN A 134 -19.49 1.90 -21.05
CA ASN A 134 -19.04 2.94 -22.03
C ASN A 134 -20.01 2.98 -23.22
N LEU A 135 -21.31 2.94 -22.95
CA LEU A 135 -22.39 3.08 -23.96
C LEU A 135 -22.31 4.48 -24.59
N LEU A 136 -22.11 5.51 -23.75
CA LEU A 136 -22.04 6.94 -24.15
C LEU A 136 -20.85 7.16 -25.10
N GLY A 137 -19.79 6.34 -24.95
CA GLY A 137 -18.57 6.39 -25.79
C GLY A 137 -18.83 5.96 -27.22
N ASN A 138 -19.90 5.20 -27.47
CA ASN A 138 -20.25 4.62 -28.80
C ASN A 138 -21.15 5.59 -29.59
N PHE A 139 -21.34 6.81 -29.09
CA PHE A 139 -22.14 7.89 -29.75
C PHE A 139 -21.21 9.03 -30.18
N ARG A 140 -21.26 9.39 -31.46
CA ARG A 140 -20.45 10.48 -32.07
C ARG A 140 -20.97 11.82 -31.54
N GLU A 141 -22.30 12.00 -31.52
CA GLU A 141 -22.99 13.15 -30.88
C GLU A 141 -23.78 12.62 -29.68
N PRO A 142 -23.13 12.46 -28.50
CA PRO A 142 -23.80 11.92 -27.32
C PRO A 142 -24.80 12.87 -26.67
N LYS A 143 -24.73 14.17 -27.01
CA LYS A 143 -25.65 15.23 -26.51
C LYS A 143 -27.11 14.82 -26.80
N ARG A 144 -27.38 14.31 -28.00
CA ARG A 144 -28.74 13.88 -28.44
C ARG A 144 -29.34 12.91 -27.41
N LEU A 145 -28.54 11.95 -26.94
CA LEU A 145 -28.96 10.91 -25.95
C LEU A 145 -29.15 11.55 -24.57
N LEU A 146 -28.18 12.36 -24.13
CA LEU A 146 -28.18 12.99 -22.78
C LEU A 146 -29.29 14.04 -22.69
N ASP A 147 -29.61 14.72 -23.80
CA ASP A 147 -30.69 15.75 -23.88
C ASP A 147 -32.06 15.07 -23.73
N SER A 148 -32.23 13.88 -24.32
CA SER A 148 -33.48 13.08 -24.25
C SER A 148 -33.72 12.59 -22.81
N LEU A 149 -32.65 12.28 -22.07
CA LEU A 149 -32.70 11.91 -20.63
C LEU A 149 -33.14 13.12 -19.81
N ALA A 150 -32.49 14.27 -20.05
CA ALA A 150 -32.74 15.57 -19.38
C ALA A 150 -34.20 16.01 -19.61
N GLU A 151 -34.69 15.85 -20.83
CA GLU A 151 -36.07 16.25 -21.25
C GLU A 151 -37.09 15.26 -20.67
N ARG A 152 -36.65 14.04 -20.35
CA ARG A 152 -37.49 12.95 -19.77
C ARG A 152 -37.74 13.23 -18.28
N SER A 153 -36.87 14.02 -17.65
CA SER A 153 -36.89 14.35 -16.19
C SER A 153 -36.75 13.05 -15.37
N VAL A 154 -35.67 12.31 -15.62
CA VAL A 154 -35.34 11.02 -14.94
C VAL A 154 -33.86 11.04 -14.52
N ALA A 155 -33.56 10.61 -13.30
CA ALA A 155 -32.18 10.40 -12.78
C ALA A 155 -31.51 9.30 -13.60
N ALA A 156 -30.18 9.36 -13.76
CA ALA A 156 -29.41 8.47 -14.65
C ALA A 156 -28.01 8.16 -14.07
N VAL A 157 -27.45 7.02 -14.46
CA VAL A 157 -26.06 6.58 -14.13
C VAL A 157 -25.29 6.41 -15.45
N VAL A 158 -24.10 7.01 -15.55
CA VAL A 158 -23.27 7.06 -16.79
C VAL A 158 -21.90 6.46 -16.48
N SER A 159 -21.60 5.28 -17.02
CA SER A 159 -20.32 4.54 -16.88
C SER A 159 -19.52 4.63 -18.19
N VAL A 160 -18.31 5.18 -18.14
CA VAL A 160 -17.41 5.38 -19.31
C VAL A 160 -15.99 4.88 -18.95
N PHE A 161 -15.17 4.63 -19.97
CA PHE A 161 -13.73 4.28 -19.82
C PHE A 161 -12.93 5.54 -19.51
N GLY A 162 -11.79 5.38 -18.83
CA GLY A 162 -10.87 6.47 -18.45
C GLY A 162 -9.84 6.76 -19.53
N ASP A 163 -9.14 7.89 -19.42
CA ASP A 163 -8.12 8.36 -20.38
C ASP A 163 -6.71 8.03 -19.87
N SER A 164 -6.60 7.09 -18.92
CA SER A 164 -5.31 6.60 -18.35
C SER A 164 -4.64 5.64 -19.35
N ALA A 165 -3.32 5.46 -19.22
CA ALA A 165 -2.50 4.57 -20.07
C ALA A 165 -2.99 3.12 -19.93
N GLU A 166 -3.37 2.72 -18.71
CA GLU A 166 -3.81 1.34 -18.37
C GLU A 166 -5.17 1.07 -19.03
N ALA A 167 -6.10 2.03 -18.95
CA ALA A 167 -7.45 1.96 -19.54
C ALA A 167 -7.33 1.68 -21.05
N THR A 168 -6.57 2.51 -21.76
CA THR A 168 -6.35 2.43 -23.24
C THR A 168 -5.74 1.07 -23.62
N ARG A 169 -4.83 0.54 -22.78
CA ARG A 169 -4.19 -0.79 -22.98
C ARG A 169 -5.25 -1.89 -22.90
N VAL A 170 -6.09 -1.87 -21.87
CA VAL A 170 -7.17 -2.87 -21.60
C VAL A 170 -8.17 -2.85 -22.76
N ARG A 171 -8.54 -1.65 -23.23
CA ARG A 171 -9.49 -1.43 -24.35
C ARG A 171 -8.89 -2.01 -25.65
N GLN A 172 -7.64 -1.66 -25.95
CA GLN A 172 -6.90 -2.13 -27.16
C GLN A 172 -6.94 -3.65 -27.22
N SER A 173 -6.63 -4.31 -26.09
CA SER A 173 -6.73 -5.78 -25.90
C SER A 173 -8.17 -6.24 -26.10
N TYR A 174 -9.11 -5.57 -25.41
CA TYR A 174 -10.56 -5.90 -25.37
C TYR A 174 -11.15 -5.90 -26.78
N TYR A 175 -10.91 -4.84 -27.56
CA TYR A 175 -11.47 -4.63 -28.92
C TYR A 175 -10.81 -5.60 -29.93
N ARG A 176 -9.55 -5.96 -29.69
CA ARG A 176 -8.78 -6.89 -30.56
C ARG A 176 -9.35 -8.32 -30.41
N ARG A 177 -9.73 -8.71 -29.19
CA ARG A 177 -10.35 -10.04 -28.89
C ARG A 177 -11.73 -10.11 -29.57
N CYS A 178 -12.46 -9.00 -29.61
CA CYS A 178 -13.77 -8.85 -30.29
C CYS A 178 -13.61 -9.00 -31.80
N GLY A 179 -12.44 -8.61 -32.33
CA GLY A 179 -12.08 -8.76 -33.76
C GLY A 179 -12.69 -7.66 -34.61
N VAL A 180 -12.57 -6.41 -34.16
CA VAL A 180 -13.03 -5.19 -34.90
C VAL A 180 -12.10 -4.98 -36.10
N GLN A 181 -12.62 -5.11 -37.32
CA GLN A 181 -11.85 -5.00 -38.58
C GLN A 181 -11.28 -3.58 -38.72
N GLY A 182 -9.97 -3.48 -39.00
CA GLY A 182 -9.26 -2.20 -39.18
C GLY A 182 -9.29 -1.35 -37.92
N LEU A 183 -8.97 -1.95 -36.77
CA LEU A 183 -8.95 -1.26 -35.45
C LEU A 183 -7.79 -0.25 -35.44
N GLU A 184 -8.10 1.02 -35.19
CA GLU A 184 -7.13 2.16 -35.23
C GLU A 184 -7.30 3.01 -33.97
N LEU A 185 -6.21 3.22 -33.23
CA LEU A 185 -6.17 4.02 -31.97
C LEU A 185 -5.93 5.49 -32.33
N HIS A 186 -6.77 6.39 -31.80
CA HIS A 186 -6.68 7.86 -31.99
C HIS A 186 -6.67 8.55 -30.61
N THR A 187 -5.49 8.97 -30.15
CA THR A 187 -5.29 9.72 -28.87
C THR A 187 -5.72 11.17 -29.05
N ARG A 188 -6.53 11.68 -28.13
CA ARG A 188 -6.91 13.12 -28.02
C ARG A 188 -6.60 13.60 -26.60
N ASP A 189 -6.82 14.89 -26.32
CA ASP A 189 -6.51 15.52 -25.00
C ASP A 189 -7.54 15.06 -23.95
N ASP A 190 -8.81 14.93 -24.35
CA ASP A 190 -9.96 14.68 -23.43
C ASP A 190 -10.43 13.23 -23.53
N GLY A 191 -9.65 12.35 -24.18
CA GLY A 191 -9.97 10.91 -24.31
C GLY A 191 -9.18 10.24 -25.43
N THR A 192 -9.36 8.93 -25.58
CA THR A 192 -8.78 8.08 -26.66
C THR A 192 -9.92 7.44 -27.46
N VAL A 193 -9.92 7.62 -28.78
CA VAL A 193 -10.99 7.15 -29.71
C VAL A 193 -10.47 5.94 -30.49
N PHE A 194 -11.23 4.84 -30.48
CA PHE A 194 -11.00 3.61 -31.29
C PHE A 194 -12.06 3.54 -32.40
N THR A 195 -11.62 3.43 -33.65
CA THR A 195 -12.48 3.34 -34.86
C THR A 195 -12.22 2.01 -35.58
N GLY A 196 -13.22 1.52 -36.32
CA GLY A 196 -13.14 0.28 -37.14
C GLY A 196 -13.73 0.49 -38.53
N SER A 197 -13.32 -0.34 -39.49
CA SER A 197 -13.78 -0.31 -40.91
C SER A 197 -15.24 -0.76 -41.00
N ASP A 198 -15.74 -1.51 -40.00
CA ASP A 198 -17.12 -2.05 -39.94
C ASP A 198 -18.05 -1.06 -39.23
N GLY A 199 -17.68 0.24 -39.21
CA GLY A 199 -18.50 1.32 -38.63
C GLY A 199 -18.39 1.37 -37.11
N PHE A 200 -17.41 0.69 -36.52
CA PHE A 200 -17.15 0.67 -35.06
C PHE A 200 -16.60 2.04 -34.64
N TYR A 201 -17.24 2.67 -33.64
CA TYR A 201 -16.77 3.89 -32.95
C TYR A 201 -16.92 3.68 -31.44
N SER A 202 -15.90 4.08 -30.68
CA SER A 202 -15.84 4.00 -29.20
C SER A 202 -14.74 4.93 -28.68
N ARG A 203 -15.07 5.80 -27.72
CA ARG A 203 -14.13 6.78 -27.11
C ARG A 203 -14.21 6.69 -25.59
N SER A 204 -13.11 7.04 -24.91
CA SER A 204 -13.02 7.21 -23.44
C SER A 204 -13.20 8.69 -23.10
N TYR A 205 -13.37 9.00 -21.81
CA TYR A 205 -13.59 10.38 -21.30
C TYR A 205 -12.63 10.67 -20.14
N SER A 206 -12.20 11.92 -20.02
CA SER A 206 -11.55 12.49 -18.80
C SER A 206 -12.66 12.92 -17.83
N ARG A 207 -12.37 12.87 -16.52
CA ARG A 207 -13.31 13.28 -15.44
C ARG A 207 -13.85 14.68 -15.75
N ALA A 208 -12.98 15.58 -16.22
CA ALA A 208 -13.29 17.01 -16.54
C ALA A 208 -14.26 17.08 -17.73
N CYS A 209 -13.94 16.38 -18.83
CA CYS A 209 -14.72 16.38 -20.10
C CYS A 209 -16.13 15.83 -19.86
N LEU A 210 -16.23 14.70 -19.14
CA LEU A 210 -17.51 14.00 -18.82
C LEU A 210 -18.42 14.94 -18.04
N HIS A 211 -17.90 15.56 -16.97
CA HIS A 211 -18.64 16.51 -16.09
C HIS A 211 -19.05 17.76 -16.89
N ALA A 212 -18.21 18.19 -17.83
CA ALA A 212 -18.44 19.35 -18.72
C ALA A 212 -19.59 19.03 -19.70
N LEU A 213 -19.54 17.84 -20.32
CA LEU A 213 -20.58 17.36 -21.29
C LEU A 213 -21.94 17.28 -20.59
N LEU A 214 -21.99 16.68 -19.40
CA LEU A 214 -23.22 16.49 -18.60
C LEU A 214 -23.78 17.85 -18.17
N ALA A 215 -22.90 18.82 -17.87
CA ALA A 215 -23.26 20.21 -17.51
C ALA A 215 -23.91 20.91 -18.70
N GLU A 216 -23.38 20.68 -19.92
CA GLU A 216 -23.90 21.29 -21.19
C GLU A 216 -25.31 20.78 -21.48
N CYS A 217 -25.64 19.55 -21.05
CA CYS A 217 -26.95 18.87 -21.30
C CYS A 217 -27.90 19.06 -20.11
N GLY A 218 -27.50 19.86 -19.10
CA GLY A 218 -28.31 20.18 -17.92
C GLY A 218 -28.54 18.97 -17.03
N LEU A 219 -27.48 18.22 -16.74
CA LEU A 219 -27.49 17.02 -15.84
C LEU A 219 -26.48 17.25 -14.71
N THR A 220 -26.96 17.50 -13.49
CA THR A 220 -26.13 17.79 -12.29
C THR A 220 -25.57 16.49 -11.72
N VAL A 221 -24.27 16.45 -11.44
CA VAL A 221 -23.55 15.28 -10.85
C VAL A 221 -23.74 15.31 -9.33
N VAL A 222 -24.25 14.23 -8.75
CA VAL A 222 -24.47 14.08 -7.27
C VAL A 222 -23.40 13.15 -6.69
N ARG A 223 -23.06 12.06 -7.39
CA ARG A 223 -21.94 11.14 -7.07
C ARG A 223 -21.04 11.01 -8.31
N SER A 224 -19.73 10.83 -8.10
CA SER A 224 -18.71 10.63 -9.16
C SER A 224 -17.60 9.69 -8.66
N ALA A 225 -17.65 8.43 -9.07
CA ALA A 225 -16.63 7.38 -8.79
C ALA A 225 -15.68 7.28 -10.00
N SER A 226 -14.38 7.09 -9.73
CA SER A 226 -13.32 6.97 -10.77
C SER A 226 -12.21 6.03 -10.27
N ASN A 227 -12.09 4.84 -10.88
CA ASN A 227 -10.99 3.87 -10.64
C ASN A 227 -9.94 4.07 -11.75
N LEU A 228 -8.97 3.16 -11.86
CA LEU A 228 -7.83 3.23 -12.81
C LEU A 228 -8.34 3.17 -14.25
N PHE A 229 -9.43 2.44 -14.50
CA PHE A 229 -9.91 2.06 -15.85
C PHE A 229 -11.16 2.86 -16.27
N ALA A 230 -11.99 3.29 -15.32
CA ALA A 230 -13.37 3.77 -15.58
C ALA A 230 -13.68 5.06 -14.80
N HIS A 231 -14.72 5.78 -15.26
CA HIS A 231 -15.45 6.84 -14.51
C HIS A 231 -16.94 6.48 -14.49
N CYS A 232 -17.58 6.56 -13.32
CA CYS A 232 -19.03 6.35 -13.13
C CYS A 232 -19.62 7.52 -12.33
N VAL A 233 -20.69 8.14 -12.84
CA VAL A 233 -21.34 9.35 -12.26
C VAL A 233 -22.86 9.14 -12.22
N THR A 234 -23.49 9.47 -11.09
CA THR A 234 -24.96 9.59 -10.92
C THR A 234 -25.34 11.05 -11.18
N VAL A 235 -26.35 11.30 -12.02
CA VAL A 235 -26.76 12.66 -12.47
C VAL A 235 -28.27 12.85 -12.29
N LEU A 236 -28.69 14.09 -12.05
CA LEU A 236 -30.11 14.51 -11.91
C LEU A 236 -30.43 15.58 -12.95
N PRO A 237 -31.60 15.52 -13.63
CA PRO A 237 -32.02 16.59 -14.54
C PRO A 237 -32.38 17.87 -13.78
N GLU A 238 -31.90 19.03 -14.25
CA GLU A 238 -32.20 20.37 -13.68
C GLU A 238 -33.70 20.66 -13.85
N GLY A 239 -34.46 20.60 -12.75
CA GLY A 239 -35.91 20.87 -12.71
C GLY A 239 -36.65 19.88 -11.83
N ALA B 15 -4.04 -27.76 -3.01
CA ALA B 15 -3.20 -28.65 -3.86
C ALA B 15 -3.26 -28.19 -5.33
N PHE B 16 -4.49 -28.04 -5.85
CA PHE B 16 -4.76 -27.63 -7.25
C PHE B 16 -4.29 -26.19 -7.49
N TYR B 17 -4.50 -25.30 -6.50
CA TYR B 17 -4.25 -23.84 -6.60
C TYR B 17 -2.79 -23.51 -6.25
N GLU B 18 -2.00 -24.52 -5.84
CA GLU B 18 -0.54 -24.41 -5.65
C GLU B 18 0.17 -24.64 -7.00
N LEU B 19 -0.55 -25.16 -8.01
CA LEU B 19 -0.08 -25.27 -9.41
C LEU B 19 0.00 -23.87 -10.01
N GLU B 20 1.04 -23.60 -10.81
CA GLU B 20 1.38 -22.26 -11.36
C GLU B 20 0.15 -21.63 -12.02
N PHE B 21 -0.52 -22.37 -12.91
CA PHE B 21 -1.68 -21.90 -13.72
C PHE B 21 -2.96 -22.62 -13.26
N GLY B 22 -3.13 -22.77 -11.94
CA GLY B 22 -4.36 -23.27 -11.30
C GLY B 22 -5.37 -22.15 -11.09
N PRO B 23 -5.00 -21.09 -10.32
CA PRO B 23 -5.86 -19.91 -10.17
C PRO B 23 -6.12 -19.17 -11.49
N ARG B 24 -5.11 -19.09 -12.37
CA ARG B 24 -5.16 -18.34 -13.66
C ARG B 24 -6.32 -18.86 -14.52
N THR B 25 -6.39 -20.18 -14.71
CA THR B 25 -7.38 -20.86 -15.59
C THR B 25 -8.81 -20.68 -15.05
N ILE B 26 -8.99 -20.75 -13.72
CA ILE B 26 -10.32 -20.73 -13.05
C ILE B 26 -10.86 -19.29 -13.00
N MET B 27 -9.99 -18.28 -12.81
CA MET B 27 -10.39 -16.90 -12.44
C MET B 27 -10.29 -15.93 -13.63
N THR B 28 -9.75 -16.38 -14.78
CA THR B 28 -9.68 -15.55 -16.03
C THR B 28 -11.09 -15.37 -16.59
N LEU B 29 -11.50 -14.12 -16.85
CA LEU B 29 -12.86 -13.75 -17.32
C LEU B 29 -13.17 -14.44 -18.66
N ALA B 30 -12.17 -14.55 -19.54
CA ALA B 30 -12.28 -15.18 -20.89
C ALA B 30 -12.90 -16.58 -20.78
N ASN B 31 -12.70 -17.27 -19.67
CA ASN B 31 -13.17 -18.67 -19.44
C ASN B 31 -14.55 -18.68 -18.77
N PHE B 32 -15.14 -17.51 -18.50
CA PHE B 32 -16.46 -17.36 -17.83
C PHE B 32 -17.59 -17.38 -18.85
N PRO B 33 -18.58 -18.29 -18.71
CA PRO B 33 -19.87 -18.13 -19.39
C PRO B 33 -20.56 -16.83 -18.96
N ASP B 34 -21.49 -16.32 -19.78
CA ASP B 34 -22.26 -15.07 -19.52
C ASP B 34 -23.22 -15.28 -18.35
N ASP B 35 -23.56 -16.53 -18.04
CA ASP B 35 -24.51 -16.92 -16.95
C ASP B 35 -23.84 -16.80 -15.58
N VAL B 36 -22.51 -16.63 -15.53
CA VAL B 36 -21.71 -16.57 -14.27
C VAL B 36 -21.78 -15.16 -13.67
N LEU B 37 -21.90 -14.12 -14.51
CA LEU B 37 -21.81 -12.69 -14.09
C LEU B 37 -22.90 -12.35 -13.08
N PRO B 38 -24.16 -12.82 -13.25
CA PRO B 38 -25.19 -12.67 -12.22
C PRO B 38 -24.76 -13.11 -10.82
N LEU B 39 -24.10 -14.28 -10.72
CA LEU B 39 -23.55 -14.83 -9.44
C LEU B 39 -22.63 -13.79 -8.80
N LEU B 40 -21.66 -13.30 -9.57
CA LEU B 40 -20.62 -12.33 -9.12
C LEU B 40 -21.28 -11.01 -8.71
N GLN B 41 -22.31 -10.59 -9.45
CA GLN B 41 -23.04 -9.32 -9.24
C GLN B 41 -23.82 -9.38 -7.92
N MET B 42 -24.57 -10.46 -7.69
CA MET B 42 -25.36 -10.71 -6.45
C MET B 42 -24.41 -10.71 -5.24
N GLU B 43 -23.29 -11.44 -5.37
CA GLU B 43 -22.25 -11.59 -4.32
C GLU B 43 -21.64 -10.22 -3.97
N SER B 44 -21.42 -9.37 -4.98
CA SER B 44 -20.83 -8.01 -4.83
C SER B 44 -21.79 -7.10 -4.06
N LEU B 45 -23.06 -7.05 -4.49
CA LEU B 45 -24.10 -6.14 -3.93
C LEU B 45 -24.38 -6.50 -2.46
N MET B 46 -24.38 -7.79 -2.12
CA MET B 46 -24.66 -8.30 -0.75
C MET B 46 -23.48 -7.97 0.19
N THR B 47 -22.25 -8.15 -0.28
CA THR B 47 -20.99 -7.80 0.43
C THR B 47 -20.99 -6.30 0.73
N PHE B 48 -21.26 -5.48 -0.29
CA PHE B 48 -21.31 -3.99 -0.25
C PHE B 48 -22.30 -3.55 0.84
N GLU B 49 -23.48 -4.17 0.89
CA GLU B 49 -24.60 -3.76 1.78
C GLU B 49 -24.37 -4.30 3.19
N ALA B 50 -23.83 -5.52 3.32
CA ALA B 50 -23.50 -6.18 4.60
C ALA B 50 -22.49 -5.32 5.38
N MET B 51 -21.40 -4.91 4.73
CA MET B 51 -20.33 -4.07 5.31
C MET B 51 -20.92 -2.77 5.86
N ALA B 52 -21.82 -2.14 5.09
CA ALA B 52 -22.49 -0.86 5.43
C ALA B 52 -23.37 -1.02 6.66
N TYR B 53 -24.26 -2.02 6.65
CA TYR B 53 -25.27 -2.29 7.72
C TYR B 53 -24.57 -2.71 9.02
N LEU B 54 -23.59 -3.62 8.91
CA LEU B 54 -22.86 -4.20 10.07
C LEU B 54 -21.68 -3.29 10.45
N ARG B 55 -21.51 -2.16 9.77
CA ARG B 55 -20.50 -1.10 10.08
C ARG B 55 -19.09 -1.72 10.11
N CYS B 56 -18.75 -2.52 9.09
CA CYS B 56 -17.42 -3.14 8.91
C CYS B 56 -16.47 -2.13 8.25
N ASP B 57 -15.35 -1.84 8.91
CA ASP B 57 -14.35 -0.82 8.46
C ASP B 57 -13.24 -1.50 7.65
N ALA B 58 -13.31 -2.82 7.44
CA ALA B 58 -12.30 -3.63 6.75
C ALA B 58 -12.97 -4.79 6.00
N LEU B 59 -12.50 -5.07 4.78
CA LEU B 59 -12.92 -6.24 3.95
C LEU B 59 -11.72 -7.18 3.78
N VAL B 60 -11.88 -8.44 4.15
CA VAL B 60 -10.86 -9.52 3.96
C VAL B 60 -11.40 -10.50 2.91
N GLU B 61 -10.99 -10.32 1.65
CA GLU B 61 -11.37 -11.21 0.52
C GLU B 61 -10.41 -12.40 0.47
N LEU B 62 -10.90 -13.58 0.85
CA LEU B 62 -10.17 -14.87 0.75
C LEU B 62 -10.36 -15.42 -0.67
N GLY B 63 -9.26 -15.65 -1.40
CA GLY B 63 -9.28 -15.99 -2.84
C GLY B 63 -9.62 -14.76 -3.67
N CYS B 64 -8.90 -13.66 -3.44
CA CYS B 64 -9.11 -12.33 -4.08
C CYS B 64 -8.66 -12.36 -5.55
N TYR B 65 -7.67 -13.19 -5.87
CA TYR B 65 -6.99 -13.28 -7.18
C TYR B 65 -6.34 -11.92 -7.50
N ASP B 66 -7.01 -11.07 -8.29
CA ASP B 66 -6.51 -9.75 -8.72
C ASP B 66 -7.31 -8.64 -8.00
N GLY B 67 -7.83 -8.93 -6.81
CA GLY B 67 -8.67 -8.01 -6.01
C GLY B 67 -10.05 -7.85 -6.60
N ARG B 68 -10.84 -8.93 -6.56
CA ARG B 68 -12.19 -9.01 -7.21
C ARG B 68 -13.23 -8.25 -6.38
N ALA B 69 -12.92 -7.90 -5.13
CA ALA B 69 -13.81 -7.17 -4.21
C ALA B 69 -13.14 -5.88 -3.71
N LEU B 70 -12.04 -5.44 -4.35
CA LEU B 70 -11.29 -4.22 -3.98
C LEU B 70 -12.18 -2.98 -4.16
N GLU B 71 -13.01 -2.97 -5.20
CA GLU B 71 -13.85 -1.82 -5.61
C GLU B 71 -14.95 -1.58 -4.56
N ILE B 72 -15.38 -2.64 -3.84
CA ILE B 72 -16.36 -2.56 -2.73
C ILE B 72 -15.73 -1.77 -1.57
N ALA B 73 -14.50 -2.15 -1.18
CA ALA B 73 -13.71 -1.50 -0.11
C ALA B 73 -13.39 -0.05 -0.50
N ARG B 74 -13.20 0.20 -1.80
CA ARG B 74 -12.83 1.53 -2.36
C ARG B 74 -14.01 2.50 -2.20
N LEU B 75 -15.22 2.06 -2.53
CA LEU B 75 -16.45 2.89 -2.59
C LEU B 75 -17.06 3.07 -1.19
N LEU B 76 -16.63 2.27 -0.21
CA LEU B 76 -17.06 2.40 1.22
C LEU B 76 -15.99 3.13 2.04
N ASN B 77 -14.83 3.42 1.44
CA ASN B 77 -13.65 4.04 2.11
C ASN B 77 -13.21 3.13 3.27
N ALA B 78 -13.34 1.82 3.11
CA ALA B 78 -13.00 0.78 4.11
C ALA B 78 -11.62 0.21 3.79
N ARG B 79 -11.00 -0.48 4.76
CA ARG B 79 -9.70 -1.18 4.61
C ARG B 79 -9.93 -2.44 3.75
N TYR B 80 -8.86 -2.96 3.16
CA TYR B 80 -8.88 -4.15 2.27
C TYR B 80 -7.65 -5.03 2.53
N LEU B 81 -7.85 -6.35 2.53
CA LEU B 81 -6.77 -7.38 2.55
C LEU B 81 -7.14 -8.52 1.59
N GLY B 82 -6.36 -8.70 0.52
CA GLY B 82 -6.53 -9.77 -0.47
C GLY B 82 -5.63 -10.95 -0.17
N VAL B 83 -6.21 -12.13 0.07
CA VAL B 83 -5.49 -13.42 0.33
C VAL B 83 -5.70 -14.35 -0.87
N ASP B 84 -4.60 -14.79 -1.49
CA ASP B 84 -4.61 -15.76 -2.63
C ASP B 84 -3.22 -16.39 -2.78
N LEU B 85 -3.14 -17.55 -3.42
CA LEU B 85 -1.87 -18.30 -3.64
C LEU B 85 -1.17 -17.80 -4.91
N ASP B 86 -1.92 -17.29 -5.88
CA ASP B 86 -1.38 -16.78 -7.18
C ASP B 86 -0.50 -15.55 -6.91
N GLN B 87 0.80 -15.65 -7.21
CA GLN B 87 1.80 -14.56 -7.03
C GLN B 87 1.54 -13.46 -8.06
N ARG B 88 1.33 -13.86 -9.33
CA ARG B 88 1.13 -12.95 -10.49
C ARG B 88 -0.14 -12.10 -10.29
N ALA B 89 -1.21 -12.71 -9.78
CA ALA B 89 -2.53 -12.06 -9.54
C ALA B 89 -2.41 -11.03 -8.41
N ILE B 90 -1.68 -11.38 -7.34
CA ILE B 90 -1.41 -10.49 -6.18
C ILE B 90 -0.50 -9.33 -6.61
N GLU B 91 0.37 -9.56 -7.60
CA GLU B 91 1.27 -8.53 -8.19
C GLU B 91 0.46 -7.50 -8.98
N THR B 92 -0.59 -7.95 -9.69
CA THR B 92 -1.56 -7.09 -10.41
C THR B 92 -2.31 -6.22 -9.39
N LEU B 93 -2.74 -6.81 -8.29
CA LEU B 93 -3.51 -6.16 -7.20
C LEU B 93 -2.65 -5.08 -6.53
N ARG B 94 -1.39 -5.39 -6.22
CA ARG B 94 -0.41 -4.45 -5.60
C ARG B 94 -0.24 -3.22 -6.49
N THR B 95 -0.03 -3.42 -7.80
CA THR B 95 0.13 -2.36 -8.81
C THR B 95 -1.16 -1.52 -8.88
N ARG B 96 -2.32 -2.18 -8.79
CA ARG B 96 -3.66 -1.54 -8.87
C ARG B 96 -3.89 -0.69 -7.60
N ILE B 97 -3.55 -1.23 -6.43
CA ILE B 97 -3.65 -0.55 -5.11
C ILE B 97 -2.76 0.71 -5.11
N GLU B 98 -1.57 0.61 -5.72
CA GLU B 98 -0.57 1.72 -5.80
C GLU B 98 -1.12 2.82 -6.70
N ARG B 99 -1.62 2.47 -7.89
CA ARG B 99 -2.05 3.42 -8.95
C ARG B 99 -3.36 4.11 -8.56
N GLU B 100 -4.25 3.42 -7.83
CA GLU B 100 -5.55 3.98 -7.36
C GLU B 100 -5.37 4.70 -6.01
N GLY B 101 -4.15 4.69 -5.46
CA GLY B 101 -3.78 5.44 -4.24
C GLY B 101 -4.46 4.88 -3.00
N MET B 102 -4.30 3.57 -2.75
CA MET B 102 -4.90 2.85 -1.60
C MET B 102 -3.81 2.16 -0.77
N SER B 103 -2.54 2.57 -0.93
CA SER B 103 -1.36 1.97 -0.26
C SER B 103 -1.53 1.98 1.26
N ASP B 104 -2.21 3.00 1.80
CA ASP B 104 -2.43 3.21 3.26
C ASP B 104 -3.63 2.39 3.76
N ARG B 105 -4.60 2.09 2.88
CA ARG B 105 -5.87 1.41 3.24
C ARG B 105 -5.81 -0.08 2.87
N ALA B 106 -5.35 -0.41 1.66
CA ALA B 106 -5.35 -1.77 1.08
C ALA B 106 -4.00 -2.46 1.32
N ASP B 107 -4.00 -3.80 1.33
CA ASP B 107 -2.81 -4.66 1.54
C ASP B 107 -3.07 -6.03 0.91
N THR B 108 -2.03 -6.85 0.72
CA THR B 108 -2.11 -8.20 0.09
C THR B 108 -1.18 -9.19 0.81
N VAL B 109 -1.53 -10.48 0.78
CA VAL B 109 -0.69 -11.61 1.27
C VAL B 109 -0.81 -12.77 0.27
N VAL B 110 0.31 -13.47 0.01
CA VAL B 110 0.38 -14.68 -0.86
C VAL B 110 0.50 -15.91 0.06
N ASP B 111 -0.61 -16.39 0.60
CA ASP B 111 -0.64 -17.50 1.59
C ASP B 111 -1.96 -18.28 1.47
N ASP B 112 -1.97 -19.53 1.93
CA ASP B 112 -3.19 -20.38 2.07
C ASP B 112 -4.17 -19.64 2.99
N ILE B 113 -5.45 -19.55 2.59
CA ILE B 113 -6.50 -18.79 3.32
C ILE B 113 -6.69 -19.40 4.72
N LEU B 114 -6.61 -20.73 4.83
CA LEU B 114 -6.72 -21.47 6.12
C LEU B 114 -5.57 -21.05 7.05
N ASN B 115 -4.35 -20.92 6.51
CA ASN B 115 -3.15 -20.46 7.25
C ASN B 115 -3.40 -19.05 7.80
N HIS B 116 -3.87 -18.13 6.95
CA HIS B 116 -4.20 -16.74 7.31
C HIS B 116 -5.29 -16.71 8.38
N THR B 117 -6.40 -17.42 8.15
CA THR B 117 -7.61 -17.40 9.03
C THR B 117 -7.26 -17.92 10.43
N ARG B 118 -6.31 -18.86 10.52
CA ARG B 118 -5.88 -19.50 11.80
C ARG B 118 -4.85 -18.62 12.52
N ARG B 119 -3.81 -18.15 11.81
CA ARG B 119 -2.58 -17.58 12.41
C ARG B 119 -2.27 -16.17 11.88
N GLY B 120 -3.20 -15.55 11.14
CA GLY B 120 -3.01 -14.20 10.55
C GLY B 120 -3.50 -13.10 11.48
N ALA B 121 -2.93 -11.90 11.36
CA ALA B 121 -3.30 -10.70 12.14
C ALA B 121 -4.61 -10.12 11.61
N SER B 122 -5.39 -9.51 12.50
CA SER B 122 -6.72 -8.89 12.21
C SER B 122 -6.55 -7.66 11.30
N VAL B 123 -7.57 -7.33 10.53
CA VAL B 123 -7.65 -6.11 9.67
C VAL B 123 -8.76 -5.21 10.24
N GLY B 124 -8.38 -4.04 10.78
CA GLY B 124 -9.33 -3.06 11.36
C GLY B 124 -10.01 -3.56 12.62
N SER B 125 -11.04 -2.84 13.09
CA SER B 125 -11.81 -3.16 14.32
C SER B 125 -12.91 -4.18 14.00
N ARG B 126 -13.67 -3.95 12.93
CA ARG B 126 -14.78 -4.83 12.46
C ARG B 126 -14.50 -5.25 11.01
N ALA B 127 -14.05 -6.48 10.80
CA ALA B 127 -13.71 -7.06 9.47
C ALA B 127 -14.81 -8.03 9.03
N LEU B 128 -15.30 -7.87 7.80
CA LEU B 128 -16.19 -8.84 7.10
C LEU B 128 -15.32 -9.71 6.19
N TYR B 129 -15.41 -11.03 6.34
CA TYR B 129 -14.62 -12.04 5.57
C TYR B 129 -15.47 -12.57 4.41
N LEU B 130 -15.07 -12.25 3.18
CA LEU B 130 -15.75 -12.68 1.93
C LEU B 130 -15.15 -14.01 1.45
N LEU B 131 -16.01 -15.00 1.22
CA LEU B 131 -15.66 -16.30 0.56
C LEU B 131 -16.36 -16.32 -0.80
N PRO B 132 -15.76 -15.70 -1.84
CA PRO B 132 -16.46 -15.44 -3.10
C PRO B 132 -16.41 -16.58 -4.13
N PHE B 133 -17.37 -16.57 -5.06
CA PHE B 133 -17.40 -17.37 -6.31
C PHE B 133 -17.17 -18.86 -5.99
N ASN B 134 -17.97 -19.39 -5.06
CA ASN B 134 -18.01 -20.83 -4.69
C ASN B 134 -16.62 -21.31 -4.23
N LEU B 135 -15.94 -20.50 -3.41
CA LEU B 135 -14.64 -20.84 -2.79
C LEU B 135 -14.83 -21.99 -1.78
N LEU B 136 -15.89 -21.91 -0.96
CA LEU B 136 -16.23 -22.91 0.08
C LEU B 136 -16.46 -24.28 -0.58
N GLY B 137 -16.96 -24.29 -1.83
CA GLY B 137 -17.17 -25.51 -2.64
C GLY B 137 -15.87 -26.25 -2.93
N ASN B 138 -14.74 -25.53 -2.97
CA ASN B 138 -13.40 -26.07 -3.31
C ASN B 138 -12.68 -26.56 -2.04
N PHE B 139 -13.44 -26.91 -0.99
CA PHE B 139 -12.91 -27.48 0.28
C PHE B 139 -13.64 -28.79 0.58
N ARG B 140 -12.89 -29.89 0.68
CA ARG B 140 -13.40 -31.25 0.99
C ARG B 140 -13.93 -31.26 2.43
N GLU B 141 -13.19 -30.61 3.34
CA GLU B 141 -13.56 -30.42 4.77
C GLU B 141 -13.78 -28.92 5.02
N PRO B 142 -14.94 -28.36 4.64
CA PRO B 142 -15.17 -26.92 4.73
C PRO B 142 -15.35 -26.39 6.17
N LYS B 143 -15.67 -27.28 7.12
CA LYS B 143 -15.86 -26.95 8.56
C LYS B 143 -14.57 -26.34 9.13
N ARG B 144 -13.40 -26.81 8.67
CA ARG B 144 -12.06 -26.27 9.03
C ARG B 144 -12.02 -24.76 8.76
N LEU B 145 -12.44 -24.34 7.55
CA LEU B 145 -12.44 -22.92 7.09
C LEU B 145 -13.48 -22.12 7.87
N LEU B 146 -14.68 -22.69 8.07
CA LEU B 146 -15.84 -21.99 8.70
C LEU B 146 -15.58 -21.80 10.19
N ASP B 147 -14.94 -22.77 10.86
CA ASP B 147 -14.62 -22.72 12.32
C ASP B 147 -13.62 -21.59 12.60
N SER B 148 -12.67 -21.37 11.69
CA SER B 148 -11.55 -20.38 11.84
C SER B 148 -12.08 -18.93 11.76
N LEU B 149 -13.23 -18.71 11.09
CA LEU B 149 -13.81 -17.36 10.86
C LEU B 149 -14.25 -16.72 12.20
N ALA B 150 -14.68 -17.53 13.16
CA ALA B 150 -15.27 -17.10 14.46
C ALA B 150 -14.35 -16.09 15.17
N GLU B 151 -13.04 -16.37 15.21
CA GLU B 151 -12.03 -15.58 15.97
C GLU B 151 -11.86 -14.19 15.34
N ARG B 152 -11.46 -14.14 14.06
CA ARG B 152 -10.86 -12.94 13.41
C ARG B 152 -11.92 -12.06 12.73
N SER B 153 -13.21 -12.39 12.82
CA SER B 153 -14.30 -11.69 12.09
C SER B 153 -15.53 -11.43 12.97
N VAL B 154 -16.31 -10.40 12.61
CA VAL B 154 -17.62 -10.04 13.22
C VAL B 154 -18.75 -10.48 12.29
N ALA B 155 -18.43 -10.81 11.02
CA ALA B 155 -19.39 -11.21 9.97
C ALA B 155 -18.65 -11.85 8.80
N ALA B 156 -19.39 -12.44 7.86
CA ALA B 156 -18.84 -13.11 6.65
C ALA B 156 -19.93 -13.24 5.58
N VAL B 157 -19.53 -13.21 4.31
CA VAL B 157 -20.41 -13.45 3.12
C VAL B 157 -19.90 -14.71 2.41
N VAL B 158 -20.79 -15.70 2.22
CA VAL B 158 -20.47 -17.01 1.59
C VAL B 158 -21.28 -17.14 0.30
N SER B 159 -20.62 -16.96 -0.86
CA SER B 159 -21.18 -17.18 -2.21
C SER B 159 -20.87 -18.61 -2.66
N VAL B 160 -21.81 -19.26 -3.36
CA VAL B 160 -21.75 -20.72 -3.69
C VAL B 160 -22.78 -21.02 -4.78
N PHE B 161 -22.44 -21.91 -5.73
CA PHE B 161 -23.32 -22.36 -6.84
C PHE B 161 -24.47 -23.19 -6.26
N GLY B 162 -25.63 -23.17 -6.94
CA GLY B 162 -26.83 -23.93 -6.57
C GLY B 162 -26.83 -25.32 -7.15
N ASP B 163 -27.79 -26.17 -6.74
CA ASP B 163 -27.91 -27.59 -7.16
C ASP B 163 -28.84 -27.70 -8.38
N SER B 164 -29.39 -26.57 -8.85
CA SER B 164 -30.36 -26.49 -9.98
C SER B 164 -29.73 -27.06 -11.26
N ALA B 165 -30.56 -27.51 -12.20
CA ALA B 165 -30.15 -28.10 -13.50
C ALA B 165 -29.39 -27.06 -14.34
N GLU B 166 -29.83 -25.80 -14.32
CA GLU B 166 -29.22 -24.68 -15.07
C GLU B 166 -27.82 -24.39 -14.53
N ALA B 167 -27.66 -24.42 -13.20
CA ALA B 167 -26.37 -24.18 -12.50
C ALA B 167 -25.32 -25.19 -12.97
N THR B 168 -25.64 -26.49 -12.85
CA THR B 168 -24.76 -27.62 -13.23
C THR B 168 -24.34 -27.49 -14.70
N ARG B 169 -25.26 -27.05 -15.57
CA ARG B 169 -25.01 -26.82 -17.02
C ARG B 169 -23.94 -25.73 -17.20
N VAL B 170 -24.10 -24.60 -16.51
CA VAL B 170 -23.18 -23.43 -16.56
C VAL B 170 -21.81 -23.84 -16.00
N ARG B 171 -21.80 -24.57 -14.88
CA ARG B 171 -20.58 -25.05 -14.19
C ARG B 171 -19.77 -25.97 -15.13
N GLN B 172 -20.44 -26.96 -15.73
CA GLN B 172 -19.83 -27.91 -16.70
C GLN B 172 -19.18 -27.11 -17.83
N SER B 173 -19.93 -26.17 -18.42
CA SER B 173 -19.46 -25.23 -19.48
C SER B 173 -18.27 -24.41 -18.97
N TYR B 174 -18.38 -23.89 -17.74
CA TYR B 174 -17.39 -22.99 -17.10
C TYR B 174 -16.06 -23.73 -16.88
N TYR B 175 -16.09 -24.91 -16.26
CA TYR B 175 -14.89 -25.71 -15.89
C TYR B 175 -14.20 -26.25 -17.16
N ARG B 176 -14.98 -26.54 -18.22
CA ARG B 176 -14.47 -27.01 -19.52
C ARG B 176 -13.63 -25.91 -20.18
N ARG B 177 -14.12 -24.67 -20.18
CA ARG B 177 -13.43 -23.47 -20.74
C ARG B 177 -12.13 -23.20 -19.97
N CYS B 178 -12.17 -23.39 -18.64
CA CYS B 178 -10.99 -23.28 -17.74
C CYS B 178 -9.95 -24.34 -18.12
N GLY B 179 -10.41 -25.53 -18.53
CA GLY B 179 -9.56 -26.62 -19.06
C GLY B 179 -9.05 -27.52 -17.95
N VAL B 180 -9.96 -28.01 -17.11
CA VAL B 180 -9.66 -28.95 -15.98
C VAL B 180 -9.42 -30.34 -16.59
N GLN B 181 -8.30 -30.98 -16.22
CA GLN B 181 -7.88 -32.31 -16.75
C GLN B 181 -8.77 -33.40 -16.14
N GLY B 182 -9.37 -34.24 -16.99
CA GLY B 182 -10.22 -35.37 -16.57
C GLY B 182 -11.40 -34.92 -15.74
N LEU B 183 -12.19 -33.98 -16.26
CA LEU B 183 -13.36 -33.36 -15.58
C LEU B 183 -14.48 -34.40 -15.45
N GLU B 184 -14.86 -34.75 -14.21
CA GLU B 184 -15.89 -35.78 -13.89
C GLU B 184 -17.00 -35.14 -13.05
N LEU B 185 -18.27 -35.40 -13.41
CA LEU B 185 -19.48 -34.92 -12.69
C LEU B 185 -19.98 -36.03 -11.76
N HIS B 186 -20.04 -35.76 -10.46
CA HIS B 186 -20.56 -36.67 -9.40
C HIS B 186 -21.84 -36.06 -8.79
N THR B 187 -23.01 -36.62 -9.11
CA THR B 187 -24.33 -36.13 -8.62
C THR B 187 -24.55 -36.62 -7.18
N ARG B 188 -24.99 -35.71 -6.30
CA ARG B 188 -25.40 -36.00 -4.90
C ARG B 188 -26.77 -35.35 -4.66
N ASP B 189 -27.37 -35.58 -3.48
CA ASP B 189 -28.65 -34.96 -3.05
C ASP B 189 -28.37 -33.54 -2.55
N ASP B 190 -27.23 -33.34 -1.86
CA ASP B 190 -26.79 -32.04 -1.29
C ASP B 190 -26.45 -31.06 -2.42
N GLY B 191 -25.63 -31.51 -3.38
CA GLY B 191 -25.20 -30.70 -4.54
C GLY B 191 -24.67 -31.56 -5.67
N THR B 192 -23.78 -31.00 -6.50
CA THR B 192 -23.08 -31.67 -7.62
C THR B 192 -21.57 -31.42 -7.49
N VAL B 193 -20.78 -32.49 -7.37
CA VAL B 193 -19.30 -32.43 -7.16
C VAL B 193 -18.60 -32.62 -8.51
N PHE B 194 -17.74 -31.66 -8.89
CA PHE B 194 -16.86 -31.72 -10.07
C PHE B 194 -15.41 -31.94 -9.62
N THR B 195 -14.76 -32.99 -10.14
CA THR B 195 -13.36 -33.37 -9.81
C THR B 195 -12.50 -33.36 -11.08
N GLY B 196 -11.19 -33.17 -10.91
CA GLY B 196 -10.19 -33.21 -12.00
C GLY B 196 -8.97 -34.03 -11.59
N SER B 197 -8.23 -34.54 -12.57
CA SER B 197 -6.99 -35.36 -12.37
C SER B 197 -5.84 -34.48 -11.89
N ASP B 198 -5.98 -33.15 -11.99
CA ASP B 198 -5.00 -32.14 -11.48
C ASP B 198 -5.03 -32.11 -9.95
N GLY B 199 -6.09 -32.65 -9.33
CA GLY B 199 -6.39 -32.52 -7.89
C GLY B 199 -7.48 -31.51 -7.65
N PHE B 200 -8.18 -31.08 -8.72
CA PHE B 200 -9.31 -30.12 -8.68
C PHE B 200 -10.50 -30.76 -7.94
N TYR B 201 -11.16 -29.97 -7.09
CA TYR B 201 -12.41 -30.32 -6.38
C TYR B 201 -13.27 -29.05 -6.27
N SER B 202 -14.57 -29.18 -6.55
CA SER B 202 -15.56 -28.08 -6.52
C SER B 202 -16.98 -28.65 -6.47
N ARG B 203 -17.68 -28.46 -5.36
CA ARG B 203 -19.08 -28.91 -5.16
C ARG B 203 -20.00 -27.70 -5.05
N SER B 204 -21.26 -27.85 -5.48
CA SER B 204 -22.36 -26.88 -5.25
C SER B 204 -23.10 -27.27 -3.97
N TYR B 205 -23.99 -26.40 -3.49
CA TYR B 205 -24.78 -26.58 -2.25
C TYR B 205 -26.26 -26.28 -2.52
N SER B 206 -27.15 -27.00 -1.84
CA SER B 206 -28.61 -26.69 -1.75
C SER B 206 -28.83 -25.69 -0.61
N ARG B 207 -29.79 -24.78 -0.78
CA ARG B 207 -30.17 -23.74 0.22
C ARG B 207 -30.15 -24.34 1.63
N ALA B 208 -30.77 -25.52 1.80
CA ALA B 208 -30.92 -26.25 3.08
C ALA B 208 -29.55 -26.70 3.60
N CYS B 209 -28.76 -27.37 2.75
CA CYS B 209 -27.44 -27.96 3.11
C CYS B 209 -26.44 -26.87 3.52
N LEU B 210 -26.48 -25.71 2.84
CA LEU B 210 -25.62 -24.54 3.14
C LEU B 210 -25.99 -23.99 4.54
N HIS B 211 -27.27 -23.66 4.75
CA HIS B 211 -27.81 -23.13 6.03
C HIS B 211 -27.52 -24.12 7.17
N ALA B 212 -27.61 -25.43 6.89
CA ALA B 212 -27.35 -26.53 7.85
C ALA B 212 -25.86 -26.54 8.24
N LEU B 213 -24.96 -26.46 7.25
CA LEU B 213 -23.49 -26.47 7.44
C LEU B 213 -23.07 -25.25 8.28
N LEU B 214 -23.60 -24.07 7.95
CA LEU B 214 -23.28 -22.79 8.64
C LEU B 214 -23.78 -22.83 10.09
N ALA B 215 -24.93 -23.49 10.32
CA ALA B 215 -25.55 -23.68 11.66
C ALA B 215 -24.65 -24.58 12.52
N GLU B 216 -24.10 -25.66 11.93
CA GLU B 216 -23.21 -26.64 12.62
C GLU B 216 -21.95 -25.93 13.13
N CYS B 217 -21.43 -24.96 12.38
CA CYS B 217 -20.16 -24.23 12.67
C CYS B 217 -20.42 -22.99 13.53
N GLY B 218 -21.68 -22.69 13.86
CA GLY B 218 -22.08 -21.56 14.71
C GLY B 218 -22.02 -20.23 13.98
N LEU B 219 -22.57 -20.18 12.76
CA LEU B 219 -22.71 -18.96 11.94
C LEU B 219 -24.19 -18.74 11.61
N THR B 220 -24.82 -17.73 12.22
CA THR B 220 -26.27 -17.42 12.07
C THR B 220 -26.49 -16.59 10.80
N VAL B 221 -27.37 -17.06 9.91
CA VAL B 221 -27.73 -16.39 8.63
C VAL B 221 -28.63 -15.19 8.94
N VAL B 222 -28.30 -14.03 8.36
CA VAL B 222 -29.01 -12.73 8.59
C VAL B 222 -29.81 -12.39 7.31
N ARG B 223 -29.14 -12.36 6.16
CA ARG B 223 -29.73 -12.20 4.81
C ARG B 223 -29.30 -13.42 3.96
N SER B 224 -30.22 -13.93 3.14
CA SER B 224 -30.00 -15.10 2.24
C SER B 224 -30.64 -14.84 0.87
N ALA B 225 -29.82 -14.44 -0.12
CA ALA B 225 -30.23 -14.24 -1.52
C ALA B 225 -29.89 -15.50 -2.34
N SER B 226 -30.72 -15.80 -3.34
CA SER B 226 -30.59 -17.00 -4.22
C SER B 226 -31.19 -16.69 -5.60
N ASN B 227 -30.36 -16.71 -6.65
CA ASN B 227 -30.80 -16.58 -8.07
C ASN B 227 -30.85 -17.98 -8.69
N LEU B 228 -31.00 -18.06 -10.02
CA LEU B 228 -31.16 -19.33 -10.78
C LEU B 228 -29.93 -20.22 -10.61
N PHE B 229 -28.73 -19.62 -10.49
CA PHE B 229 -27.42 -20.32 -10.57
C PHE B 229 -26.81 -20.51 -9.17
N ALA B 230 -26.93 -19.51 -8.28
CA ALA B 230 -26.12 -19.37 -7.05
C ALA B 230 -26.99 -19.12 -5.81
N HIS B 231 -26.39 -19.31 -4.63
CA HIS B 231 -26.87 -18.86 -3.30
C HIS B 231 -25.80 -17.99 -2.65
N CYS B 232 -26.19 -16.85 -2.05
CA CYS B 232 -25.30 -15.91 -1.31
C CYS B 232 -25.93 -15.56 0.04
N VAL B 233 -25.19 -15.75 1.13
CA VAL B 233 -25.69 -15.58 2.53
C VAL B 233 -24.70 -14.72 3.33
N THR B 234 -25.23 -13.77 4.12
CA THR B 234 -24.49 -12.98 5.14
C THR B 234 -24.71 -13.65 6.50
N VAL B 235 -23.62 -14.00 7.21
CA VAL B 235 -23.65 -14.76 8.49
C VAL B 235 -22.93 -13.94 9.58
N LEU B 236 -23.31 -14.16 10.84
CA LEU B 236 -22.68 -13.59 12.05
C LEU B 236 -22.23 -14.73 12.96
N PRO B 237 -20.96 -14.76 13.43
CA PRO B 237 -20.53 -15.73 14.43
C PRO B 237 -21.30 -15.55 15.76
N GLU B 238 -21.75 -16.67 16.35
CA GLU B 238 -22.50 -16.69 17.63
C GLU B 238 -21.57 -16.26 18.76
N GLY B 239 -21.77 -15.05 19.30
CA GLY B 239 -20.97 -14.46 20.39
C GLY B 239 -20.15 -13.27 19.94
N ALA B 240 -20.17 -12.94 18.63
CA ALA B 240 -19.46 -11.79 18.03
C ALA B 240 -20.14 -10.48 18.42
N ASP B 241 -19.40 -9.36 18.37
CA ASP B 241 -19.90 -8.00 18.69
C ASP B 241 -20.82 -7.53 17.56
N GLN B 242 -21.93 -6.88 17.91
CA GLN B 242 -22.96 -6.37 16.96
C GLN B 242 -23.13 -4.86 17.15
N GLY B 243 -22.07 -4.18 17.57
CA GLY B 243 -22.06 -2.73 17.89
C GLY B 243 -21.66 -1.88 16.71
N PHE B 244 -21.49 -0.57 16.93
CA PHE B 244 -21.14 0.45 15.91
C PHE B 244 -19.72 0.96 16.15
N ALA C 15 12.73 -25.33 15.07
CA ALA C 15 12.78 -26.75 15.51
C ALA C 15 12.69 -26.82 17.05
N PHE C 16 13.55 -26.06 17.75
CA PHE C 16 13.64 -26.02 19.22
C PHE C 16 12.43 -25.30 19.82
N TYR C 17 11.98 -24.21 19.18
CA TYR C 17 10.90 -23.31 19.68
C TYR C 17 9.53 -23.80 19.18
N GLU C 18 9.50 -24.90 18.42
CA GLU C 18 8.27 -25.64 18.05
C GLU C 18 7.95 -26.67 19.14
N LEU C 19 8.89 -26.91 20.06
CA LEU C 19 8.66 -27.72 21.29
C LEU C 19 7.78 -26.91 22.25
N GLU C 20 6.98 -27.59 23.07
CA GLU C 20 5.94 -26.98 23.96
C GLU C 20 6.62 -26.07 24.99
N PHE C 21 7.74 -26.51 25.57
CA PHE C 21 8.46 -25.82 26.68
C PHE C 21 9.82 -25.31 26.20
N GLY C 22 9.93 -24.98 24.91
CA GLY C 22 11.14 -24.40 24.30
C GLY C 22 11.23 -22.90 24.59
N PRO C 23 10.28 -22.07 24.11
CA PRO C 23 10.24 -20.65 24.44
C PRO C 23 10.09 -20.36 25.94
N ARG C 24 9.29 -21.18 26.63
CA ARG C 24 8.98 -21.05 28.09
C ARG C 24 10.29 -20.94 28.87
N THR C 25 11.18 -21.94 28.75
CA THR C 25 12.44 -22.08 29.50
C THR C 25 13.40 -20.91 29.18
N ILE C 26 13.45 -20.49 27.90
CA ILE C 26 14.44 -19.49 27.39
C ILE C 26 14.00 -18.07 27.76
N MET C 27 12.68 -17.81 27.86
CA MET C 27 12.12 -16.44 27.97
C MET C 27 11.48 -16.19 29.35
N THR C 28 11.63 -17.12 30.31
CA THR C 28 11.18 -16.93 31.71
C THR C 28 12.23 -16.10 32.45
N LEU C 29 11.81 -14.96 33.03
CA LEU C 29 12.69 -13.95 33.68
C LEU C 29 13.43 -14.57 34.88
N ALA C 30 12.86 -15.63 35.47
CA ALA C 30 13.43 -16.40 36.61
C ALA C 30 14.77 -17.05 36.19
N ASN C 31 14.92 -17.41 34.92
CA ASN C 31 16.10 -18.14 34.38
C ASN C 31 17.18 -17.14 33.93
N PHE C 32 16.93 -15.84 34.04
CA PHE C 32 17.83 -14.75 33.58
C PHE C 32 18.83 -14.40 34.70
N PRO C 33 20.15 -14.45 34.43
CA PRO C 33 21.12 -13.75 35.27
C PRO C 33 20.89 -12.24 35.30
N ASP C 34 21.40 -11.56 36.32
CA ASP C 34 21.27 -10.08 36.52
C ASP C 34 21.98 -9.34 35.38
N ASP C 35 22.99 -9.96 34.77
CA ASP C 35 23.85 -9.37 33.71
C ASP C 35 23.13 -9.37 32.35
N VAL C 36 21.91 -9.90 32.28
CA VAL C 36 21.08 -9.95 31.04
C VAL C 36 20.38 -8.61 30.84
N LEU C 37 19.92 -7.96 31.92
CA LEU C 37 19.15 -6.68 31.89
C LEU C 37 19.85 -5.65 31.00
N PRO C 38 21.16 -5.36 31.21
CA PRO C 38 21.89 -4.41 30.35
C PRO C 38 21.65 -4.59 28.84
N LEU C 39 21.65 -5.84 28.37
CA LEU C 39 21.36 -6.21 26.95
C LEU C 39 19.93 -5.78 26.60
N LEU C 40 18.96 -6.14 27.45
CA LEU C 40 17.51 -5.88 27.25
C LEU C 40 17.23 -4.38 27.35
N GLN C 41 17.89 -3.69 28.28
CA GLN C 41 17.73 -2.23 28.53
C GLN C 41 18.27 -1.45 27.32
N MET C 42 19.41 -1.88 26.77
CA MET C 42 20.09 -1.22 25.62
C MET C 42 19.18 -1.30 24.38
N GLU C 43 18.71 -2.50 24.03
CA GLU C 43 17.89 -2.76 22.81
C GLU C 43 16.56 -1.98 22.91
N SER C 44 16.02 -1.84 24.11
CA SER C 44 14.73 -1.15 24.40
C SER C 44 14.86 0.35 24.08
N LEU C 45 15.96 0.97 24.52
CA LEU C 45 16.26 2.42 24.32
C LEU C 45 16.60 2.68 22.84
N MET C 46 17.33 1.76 22.22
CA MET C 46 17.72 1.82 20.78
C MET C 46 16.46 1.75 19.90
N THR C 47 15.58 0.79 20.18
CA THR C 47 14.28 0.58 19.48
C THR C 47 13.43 1.84 19.62
N PHE C 48 13.23 2.30 20.86
CA PHE C 48 12.40 3.48 21.25
C PHE C 48 12.84 4.72 20.45
N GLU C 49 14.15 4.95 20.36
CA GLU C 49 14.74 6.17 19.73
C GLU C 49 14.74 6.02 18.20
N ALA C 50 14.95 4.79 17.70
CA ALA C 50 14.94 4.46 16.25
C ALA C 50 13.58 4.80 15.65
N MET C 51 12.49 4.37 16.30
CA MET C 51 11.09 4.58 15.85
C MET C 51 10.79 6.08 15.80
N ALA C 52 11.24 6.84 16.80
CA ALA C 52 11.03 8.30 16.93
C ALA C 52 11.70 9.03 15.76
N TYR C 53 12.99 8.77 15.51
CA TYR C 53 13.82 9.46 14.49
C TYR C 53 13.34 9.07 13.08
N LEU C 54 13.12 7.78 12.84
CA LEU C 54 12.74 7.23 11.51
C LEU C 54 11.22 7.35 11.29
N ARG C 55 10.50 7.89 12.27
CA ARG C 55 9.04 8.22 12.18
C ARG C 55 8.25 6.94 11.85
N CYS C 56 8.62 5.81 12.46
CA CYS C 56 7.93 4.50 12.31
C CYS C 56 6.64 4.52 13.15
N ASP C 57 5.49 4.31 12.50
CA ASP C 57 4.15 4.38 13.13
C ASP C 57 3.73 2.99 13.64
N ALA C 58 4.57 1.96 13.44
CA ALA C 58 4.30 0.56 13.82
C ALA C 58 5.58 -0.13 14.27
N LEU C 59 5.47 -1.01 15.28
CA LEU C 59 6.57 -1.86 15.80
C LEU C 59 6.18 -3.33 15.62
N VAL C 60 6.94 -4.07 14.82
CA VAL C 60 6.78 -5.55 14.62
C VAL C 60 7.88 -6.26 15.40
N GLU C 61 7.55 -6.81 16.58
CA GLU C 61 8.50 -7.58 17.43
C GLU C 61 8.47 -9.06 17.01
N LEU C 62 9.52 -9.50 16.32
CA LEU C 62 9.75 -10.93 15.96
C LEU C 62 10.26 -11.66 17.21
N GLY C 63 9.58 -12.73 17.62
CA GLY C 63 9.87 -13.46 18.87
C GLY C 63 9.61 -12.59 20.08
N CYS C 64 8.36 -12.13 20.22
CA CYS C 64 7.90 -11.17 21.26
C CYS C 64 7.67 -11.88 22.60
N TYR C 65 7.38 -13.18 22.55
CA TYR C 65 6.98 -14.02 23.72
C TYR C 65 5.67 -13.48 24.29
N ASP C 66 5.72 -12.62 25.30
CA ASP C 66 4.54 -12.03 26.00
C ASP C 66 4.51 -10.51 25.77
N GLY C 67 4.98 -10.06 24.60
CA GLY C 67 5.10 -8.64 24.24
C GLY C 67 6.16 -7.94 25.07
N ARG C 68 7.43 -8.20 24.77
CA ARG C 68 8.61 -7.68 25.53
C ARG C 68 8.93 -6.23 25.09
N ALA C 69 8.35 -5.77 23.98
CA ALA C 69 8.53 -4.40 23.43
C ALA C 69 7.18 -3.71 23.24
N LEU C 70 6.13 -4.17 23.92
CA LEU C 70 4.75 -3.59 23.84
C LEU C 70 4.75 -2.19 24.46
N GLU C 71 5.55 -1.98 25.51
CA GLU C 71 5.60 -0.72 26.30
C GLU C 71 6.26 0.39 25.47
N ILE C 72 7.18 0.03 24.58
CA ILE C 72 7.84 0.97 23.62
C ILE C 72 6.78 1.53 22.68
N ALA C 73 5.98 0.65 22.06
CA ALA C 73 4.90 0.97 21.12
C ALA C 73 3.81 1.80 21.81
N ARG C 74 3.52 1.50 23.08
CA ARG C 74 2.48 2.20 23.89
C ARG C 74 2.89 3.66 24.12
N LEU C 75 4.12 3.90 24.57
CA LEU C 75 4.63 5.23 24.99
C LEU C 75 4.87 6.15 23.78
N LEU C 76 5.00 5.57 22.57
CA LEU C 76 5.15 6.34 21.30
C LEU C 76 3.77 6.51 20.63
N ASN C 77 2.74 5.86 21.16
CA ASN C 77 1.35 5.83 20.60
C ASN C 77 1.40 5.20 19.20
N ALA C 78 2.32 4.24 19.00
CA ALA C 78 2.55 3.53 17.71
C ALA C 78 1.75 2.23 17.71
N ARG C 79 1.58 1.63 16.53
CA ARG C 79 0.97 0.29 16.35
C ARG C 79 1.95 -0.77 16.84
N TYR C 80 1.45 -1.96 17.21
CA TYR C 80 2.25 -3.11 17.67
C TYR C 80 1.72 -4.40 17.05
N LEU C 81 2.64 -5.29 16.64
CA LEU C 81 2.35 -6.69 16.26
C LEU C 81 3.40 -7.60 16.89
N GLY C 82 2.97 -8.50 17.78
CA GLY C 82 3.82 -9.51 18.43
C GLY C 82 3.73 -10.85 17.74
N VAL C 83 4.86 -11.37 17.23
CA VAL C 83 4.96 -12.67 16.52
C VAL C 83 5.80 -13.64 17.36
N ASP C 84 5.27 -14.83 17.64
CA ASP C 84 5.96 -15.89 18.41
C ASP C 84 5.21 -17.22 18.26
N LEU C 85 5.90 -18.34 18.48
CA LEU C 85 5.34 -19.72 18.40
C LEU C 85 4.59 -20.06 19.70
N ASP C 86 5.13 -19.64 20.85
CA ASP C 86 4.56 -19.93 22.19
C ASP C 86 3.14 -19.32 22.26
N GLN C 87 2.12 -20.19 22.15
CA GLN C 87 0.69 -19.79 22.16
C GLN C 87 0.29 -19.29 23.55
N ARG C 88 0.84 -19.91 24.61
CA ARG C 88 0.55 -19.58 26.03
C ARG C 88 1.04 -18.16 26.33
N ALA C 89 2.19 -17.77 25.77
CA ALA C 89 2.83 -16.44 25.94
C ALA C 89 2.02 -15.37 25.20
N ILE C 90 1.51 -15.69 24.00
CA ILE C 90 0.67 -14.78 23.17
C ILE C 90 -0.67 -14.55 23.88
N GLU C 91 -1.20 -15.58 24.56
CA GLU C 91 -2.47 -15.51 25.33
C GLU C 91 -2.31 -14.53 26.50
N THR C 92 -1.11 -14.44 27.08
CA THR C 92 -0.74 -13.42 28.11
C THR C 92 -0.77 -12.04 27.46
N LEU C 93 -0.16 -11.91 26.28
CA LEU C 93 -0.04 -10.64 25.50
C LEU C 93 -1.43 -10.13 25.12
N ARG C 94 -2.31 -11.01 24.63
CA ARG C 94 -3.69 -10.67 24.20
C ARG C 94 -4.50 -10.14 25.40
N THR C 95 -4.39 -10.80 26.56
CA THR C 95 -5.09 -10.42 27.81
C THR C 95 -4.54 -9.09 28.33
N ARG C 96 -3.25 -8.83 28.10
CA ARG C 96 -2.55 -7.57 28.52
C ARG C 96 -3.02 -6.42 27.62
N ILE C 97 -3.00 -6.62 26.30
CA ILE C 97 -3.46 -5.64 25.27
C ILE C 97 -4.91 -5.24 25.57
N GLU C 98 -5.76 -6.21 25.92
CA GLU C 98 -7.21 -6.01 26.22
C GLU C 98 -7.35 -5.15 27.48
N ARG C 99 -6.67 -5.54 28.57
CA ARG C 99 -6.77 -4.88 29.91
C ARG C 99 -6.22 -3.46 29.84
N GLU C 100 -5.18 -3.23 29.04
CA GLU C 100 -4.50 -1.90 28.89
C GLU C 100 -5.23 -1.04 27.85
N GLY C 101 -6.25 -1.59 27.17
CA GLY C 101 -7.10 -0.88 26.21
C GLY C 101 -6.34 -0.49 24.94
N MET C 102 -5.52 -1.40 24.43
CA MET C 102 -4.70 -1.21 23.19
C MET C 102 -5.24 -2.10 22.06
N SER C 103 -6.45 -2.63 22.21
CA SER C 103 -7.10 -3.58 21.27
C SER C 103 -7.05 -3.05 19.83
N ASP C 104 -7.25 -1.74 19.65
CA ASP C 104 -7.36 -1.07 18.32
C ASP C 104 -5.98 -0.98 17.66
N ARG C 105 -4.92 -0.66 18.41
CA ARG C 105 -3.57 -0.36 17.86
C ARG C 105 -2.55 -1.44 18.24
N ALA C 106 -3.02 -2.63 18.65
CA ALA C 106 -2.15 -3.79 18.99
C ALA C 106 -2.83 -5.09 18.56
N ASP C 107 -2.03 -6.07 18.12
CA ASP C 107 -2.49 -7.41 17.65
C ASP C 107 -1.35 -8.42 17.86
N THR C 108 -1.64 -9.71 17.66
CA THR C 108 -0.68 -10.83 17.82
C THR C 108 -0.89 -11.88 16.72
N VAL C 109 0.14 -12.63 16.37
CA VAL C 109 0.07 -13.83 15.47
C VAL C 109 0.90 -14.95 16.10
N VAL C 110 0.40 -16.19 16.02
CA VAL C 110 1.12 -17.43 16.44
C VAL C 110 1.61 -18.13 15.17
N ASP C 111 2.84 -17.81 14.73
CA ASP C 111 3.42 -18.30 13.45
C ASP C 111 4.95 -18.24 13.52
N ASP C 112 5.62 -18.98 12.63
CA ASP C 112 7.08 -18.91 12.40
C ASP C 112 7.43 -17.48 11.93
N ILE C 113 8.55 -16.94 12.40
CA ILE C 113 9.02 -15.56 12.10
C ILE C 113 9.25 -15.41 10.59
N LEU C 114 9.81 -16.44 9.95
CA LEU C 114 10.14 -16.44 8.50
C LEU C 114 8.86 -16.49 7.66
N ASN C 115 7.82 -17.18 8.15
CA ASN C 115 6.48 -17.26 7.49
C ASN C 115 5.88 -15.86 7.40
N HIS C 116 5.86 -15.11 8.51
CA HIS C 116 5.30 -13.74 8.61
C HIS C 116 6.08 -12.78 7.69
N THR C 117 7.42 -12.83 7.75
CA THR C 117 8.32 -11.89 7.02
C THR C 117 8.27 -12.17 5.51
N ARG C 118 7.97 -13.41 5.10
CA ARG C 118 7.93 -13.82 3.67
C ARG C 118 6.54 -13.57 3.08
N ARG C 119 5.46 -13.82 3.84
CA ARG C 119 4.07 -13.87 3.31
C ARG C 119 3.12 -12.89 4.02
N GLY C 120 3.36 -12.58 5.29
CA GLY C 120 2.41 -11.82 6.15
C GLY C 120 2.01 -10.47 5.57
N ALA C 121 0.99 -9.84 6.15
CA ALA C 121 0.50 -8.49 5.78
C ALA C 121 1.32 -7.42 6.52
N SER C 122 1.39 -6.20 5.98
CA SER C 122 2.14 -5.05 6.53
C SER C 122 1.42 -4.49 7.76
N VAL C 123 2.18 -3.91 8.70
CA VAL C 123 1.68 -3.24 9.94
C VAL C 123 2.03 -1.75 9.82
N GLY C 124 1.01 -0.89 9.64
CA GLY C 124 1.17 0.57 9.46
C GLY C 124 1.88 0.90 8.16
N SER C 125 2.12 2.20 7.92
CA SER C 125 2.78 2.73 6.70
C SER C 125 4.30 2.51 6.78
N ARG C 126 4.89 2.78 7.96
CA ARG C 126 6.34 2.62 8.24
C ARG C 126 6.54 1.72 9.46
N ALA C 127 6.97 0.48 9.23
CA ALA C 127 7.18 -0.55 10.28
C ALA C 127 8.68 -0.70 10.58
N LEU C 128 9.05 -0.65 11.86
CA LEU C 128 10.40 -1.02 12.37
C LEU C 128 10.32 -2.44 12.94
N TYR C 129 11.20 -3.34 12.48
CA TYR C 129 11.23 -4.78 12.85
C TYR C 129 12.31 -5.01 13.91
N LEU C 130 11.90 -5.39 15.12
CA LEU C 130 12.81 -5.71 16.25
C LEU C 130 13.13 -7.21 16.22
N LEU C 131 14.43 -7.55 16.24
CA LEU C 131 14.96 -8.92 16.45
C LEU C 131 15.67 -8.95 17.81
N PRO C 132 14.92 -9.09 18.92
CA PRO C 132 15.45 -8.86 20.26
C PRO C 132 16.09 -10.09 20.91
N PHE C 133 17.01 -9.85 21.85
CA PHE C 133 17.55 -10.84 22.82
C PHE C 133 18.18 -12.02 22.06
N ASN C 134 19.07 -11.70 21.10
CA ASN C 134 19.89 -12.68 20.33
C ASN C 134 18.99 -13.66 19.58
N LEU C 135 17.97 -13.13 18.88
CA LEU C 135 17.04 -13.93 18.03
C LEU C 135 17.82 -14.41 16.79
N LEU C 136 18.55 -13.50 16.13
CA LEU C 136 19.32 -13.76 14.88
C LEU C 136 20.37 -14.86 15.13
N GLY C 137 20.90 -14.94 16.36
CA GLY C 137 21.88 -15.94 16.79
C GLY C 137 21.33 -17.36 16.79
N ASN C 138 19.99 -17.51 16.86
CA ASN C 138 19.29 -18.82 16.95
C ASN C 138 19.02 -19.37 15.54
N PHE C 139 19.49 -18.69 14.49
CA PHE C 139 19.39 -19.12 13.07
C PHE C 139 20.76 -19.56 12.56
N ARG C 140 20.84 -20.76 11.99
CA ARG C 140 22.07 -21.33 11.37
C ARG C 140 22.31 -20.65 10.02
N GLU C 141 21.24 -20.35 9.29
CA GLU C 141 21.25 -19.61 8.00
C GLU C 141 20.51 -18.28 8.19
N PRO C 142 21.13 -17.29 8.86
CA PRO C 142 20.43 -16.04 9.21
C PRO C 142 20.17 -15.10 8.02
N LYS C 143 20.92 -15.25 6.94
CA LYS C 143 20.78 -14.45 5.68
C LYS C 143 19.34 -14.52 5.18
N ARG C 144 18.69 -15.68 5.30
CA ARG C 144 17.29 -15.92 4.86
C ARG C 144 16.35 -14.94 5.56
N LEU C 145 16.54 -14.72 6.87
CA LEU C 145 15.70 -13.84 7.72
C LEU C 145 15.97 -12.36 7.38
N LEU C 146 17.25 -11.99 7.23
CA LEU C 146 17.69 -10.58 7.03
C LEU C 146 17.29 -10.10 5.63
N ASP C 147 17.35 -10.97 4.62
CA ASP C 147 16.95 -10.68 3.21
C ASP C 147 15.43 -10.48 3.14
N SER C 148 14.67 -11.17 3.99
CA SER C 148 13.18 -11.13 4.02
C SER C 148 12.69 -9.79 4.60
N LEU C 149 13.49 -9.13 5.44
CA LEU C 149 13.16 -7.84 6.10
C LEU C 149 13.07 -6.72 5.05
N ALA C 150 13.85 -6.81 3.97
CA ALA C 150 14.00 -5.77 2.92
C ALA C 150 12.64 -5.36 2.36
N GLU C 151 11.78 -6.33 2.03
CA GLU C 151 10.47 -6.13 1.37
C GLU C 151 9.57 -5.23 2.23
N ARG C 152 9.39 -5.59 3.51
CA ARG C 152 8.30 -5.08 4.39
C ARG C 152 8.82 -3.95 5.29
N SER C 153 10.02 -4.11 5.87
CA SER C 153 10.61 -3.17 6.85
C SER C 153 11.14 -1.92 6.12
N VAL C 154 10.97 -0.74 6.73
CA VAL C 154 11.67 0.53 6.35
C VAL C 154 12.91 0.69 7.26
N ALA C 155 12.95 -0.07 8.37
CA ALA C 155 14.03 -0.06 9.38
C ALA C 155 13.94 -1.32 10.24
N ALA C 156 15.04 -1.68 10.92
CA ALA C 156 15.12 -2.87 11.81
C ALA C 156 16.17 -2.63 12.90
N VAL C 157 15.95 -3.22 14.08
CA VAL C 157 16.88 -3.21 15.25
C VAL C 157 17.28 -4.66 15.55
N VAL C 158 18.58 -4.94 15.54
CA VAL C 158 19.17 -6.31 15.70
C VAL C 158 19.99 -6.33 16.99
N SER C 159 19.49 -7.00 18.04
CA SER C 159 20.17 -7.21 19.34
C SER C 159 20.74 -8.63 19.39
N VAL C 160 22.05 -8.77 19.61
CA VAL C 160 22.78 -10.07 19.69
C VAL C 160 23.79 -9.99 20.84
N PHE C 161 24.22 -11.15 21.36
CA PHE C 161 25.28 -11.28 22.39
C PHE C 161 26.65 -11.03 21.76
N GLY C 162 27.61 -10.56 22.56
CA GLY C 162 28.98 -10.23 22.14
C GLY C 162 29.92 -11.42 22.23
N ASP C 163 31.13 -11.29 21.69
CA ASP C 163 32.16 -12.37 21.62
C ASP C 163 33.19 -12.15 22.74
N SER C 164 32.85 -11.38 23.77
CA SER C 164 33.71 -11.11 24.95
C SER C 164 33.67 -12.30 25.91
N ALA C 165 34.66 -12.41 26.79
CA ALA C 165 34.82 -13.50 27.79
C ALA C 165 33.67 -13.44 28.80
N GLU C 166 33.30 -12.23 29.24
CA GLU C 166 32.24 -12.00 30.27
C GLU C 166 30.87 -12.33 29.68
N ALA C 167 30.64 -12.04 28.39
CA ALA C 167 29.39 -12.33 27.66
C ALA C 167 29.15 -13.84 27.64
N THR C 168 30.14 -14.61 27.17
CA THR C 168 30.13 -16.10 27.08
C THR C 168 29.80 -16.71 28.44
N ARG C 169 30.35 -16.16 29.53
CA ARG C 169 30.16 -16.64 30.92
C ARG C 169 28.68 -16.49 31.32
N VAL C 170 28.10 -15.31 31.08
CA VAL C 170 26.68 -14.98 31.40
C VAL C 170 25.77 -15.91 30.59
N ARG C 171 26.09 -16.14 29.31
CA ARG C 171 25.33 -17.02 28.38
C ARG C 171 25.32 -18.45 28.91
N GLN C 172 26.51 -18.99 29.24
CA GLN C 172 26.69 -20.37 29.78
C GLN C 172 25.84 -20.53 31.04
N SER C 173 25.90 -19.54 31.94
CA SER C 173 25.08 -19.45 33.18
C SER C 173 23.59 -19.39 32.82
N TYR C 174 23.23 -18.55 31.85
CA TYR C 174 21.84 -18.27 31.41
C TYR C 174 21.20 -19.53 30.82
N TYR C 175 21.89 -20.20 29.89
CA TYR C 175 21.39 -21.41 29.16
C TYR C 175 21.30 -22.60 30.11
N ARG C 176 22.12 -22.64 31.16
CA ARG C 176 22.12 -23.72 32.19
C ARG C 176 20.87 -23.60 33.07
N ARG C 177 20.53 -22.37 33.49
CA ARG C 177 19.33 -22.07 34.31
C ARG C 177 18.06 -22.42 33.52
N CYS C 178 18.08 -22.19 32.20
CA CYS C 178 16.99 -22.56 31.25
C CYS C 178 16.82 -24.08 31.23
N GLY C 179 17.93 -24.82 31.35
CA GLY C 179 17.97 -26.29 31.39
C GLY C 179 18.06 -26.89 30.00
N VAL C 180 18.94 -26.35 29.16
CA VAL C 180 19.22 -26.86 27.79
C VAL C 180 19.97 -28.19 27.91
N GLN C 181 19.32 -29.29 27.53
CA GLN C 181 19.84 -30.68 27.65
C GLN C 181 20.99 -30.87 26.66
N GLY C 182 22.14 -31.34 27.15
CA GLY C 182 23.36 -31.60 26.35
C GLY C 182 23.99 -30.31 25.84
N LEU C 183 24.14 -29.31 26.72
CA LEU C 183 24.70 -27.97 26.39
C LEU C 183 26.20 -28.09 26.12
N GLU C 184 26.65 -27.61 24.95
CA GLU C 184 28.07 -27.66 24.50
C GLU C 184 28.51 -26.26 24.04
N LEU C 185 29.70 -25.83 24.47
CA LEU C 185 30.34 -24.55 24.05
C LEU C 185 31.27 -24.83 22.86
N HIS C 186 31.09 -24.09 21.76
CA HIS C 186 31.91 -24.18 20.52
C HIS C 186 32.48 -22.81 20.18
N THR C 187 33.73 -22.55 20.58
CA THR C 187 34.45 -21.26 20.35
C THR C 187 34.83 -21.16 18.86
N ARG C 188 34.53 -20.02 18.24
CA ARG C 188 34.93 -19.67 16.85
C ARG C 188 35.61 -18.29 16.88
N ASP C 189 36.17 -17.85 15.74
CA ASP C 189 36.90 -16.56 15.60
C ASP C 189 35.91 -15.40 15.62
N ASP C 190 34.71 -15.59 15.07
CA ASP C 190 33.69 -14.54 14.84
C ASP C 190 32.59 -14.59 15.92
N GLY C 191 32.61 -15.61 16.80
CA GLY C 191 31.62 -15.76 17.88
C GLY C 191 31.77 -17.06 18.64
N THR C 192 30.89 -17.30 19.63
CA THR C 192 30.79 -18.54 20.44
C THR C 192 29.41 -19.16 20.23
N VAL C 193 29.37 -20.42 19.78
CA VAL C 193 28.13 -21.17 19.45
C VAL C 193 27.81 -22.13 20.60
N PHE C 194 26.56 -22.10 21.10
CA PHE C 194 26.00 -23.03 22.11
C PHE C 194 24.95 -23.92 21.45
N THR C 195 25.15 -25.24 21.50
CA THR C 195 24.25 -26.27 20.90
C THR C 195 23.63 -27.12 22.01
N GLY C 196 22.50 -27.78 21.73
CA GLY C 196 21.78 -28.67 22.66
C GLY C 196 21.25 -29.91 21.96
N SER C 197 20.98 -30.97 22.73
CA SER C 197 20.46 -32.28 22.24
C SER C 197 19.00 -32.15 21.80
N ASP C 198 18.31 -31.09 22.22
CA ASP C 198 16.89 -30.78 21.87
C ASP C 198 16.81 -30.14 20.48
N GLY C 199 17.96 -29.84 19.86
CA GLY C 199 18.06 -29.10 18.58
C GLY C 199 18.27 -27.61 18.80
N PHE C 200 18.61 -27.22 20.04
CA PHE C 200 18.92 -25.82 20.43
C PHE C 200 20.19 -25.35 19.70
N TYR C 201 20.14 -24.16 19.11
CA TYR C 201 21.29 -23.45 18.48
C TYR C 201 21.22 -21.97 18.88
N SER C 202 22.35 -21.40 19.28
CA SER C 202 22.50 -19.98 19.69
C SER C 202 23.98 -19.57 19.61
N ARG C 203 24.31 -18.67 18.68
CA ARG C 203 25.69 -18.12 18.49
C ARG C 203 25.69 -16.63 18.86
N SER C 204 26.84 -16.14 19.32
CA SER C 204 27.14 -14.70 19.52
C SER C 204 27.84 -14.15 18.27
N TYR C 205 27.98 -12.83 18.17
CA TYR C 205 28.58 -12.11 17.02
C TYR C 205 29.65 -11.13 17.51
N SER C 206 30.76 -11.03 16.78
CA SER C 206 31.76 -9.93 16.88
C SER C 206 31.21 -8.71 16.15
N ARG C 207 31.54 -7.50 16.63
CA ARG C 207 31.11 -6.21 16.02
C ARG C 207 31.36 -6.26 14.50
N ALA C 208 32.52 -6.79 14.10
CA ALA C 208 32.96 -6.92 12.69
C ALA C 208 32.02 -7.85 11.91
N CYS C 209 31.84 -9.09 12.39
CA CYS C 209 31.06 -10.16 11.72
C CYS C 209 29.59 -9.74 11.56
N LEU C 210 29.03 -9.07 12.56
CA LEU C 210 27.62 -8.58 12.57
C LEU C 210 27.43 -7.55 11.45
N HIS C 211 28.27 -6.50 11.45
CA HIS C 211 28.26 -5.39 10.45
C HIS C 211 28.50 -5.97 9.04
N ALA C 212 29.35 -6.99 8.93
CA ALA C 212 29.70 -7.68 7.66
C ALA C 212 28.49 -8.45 7.13
N LEU C 213 27.80 -9.19 8.00
CA LEU C 213 26.60 -10.01 7.66
C LEU C 213 25.46 -9.10 7.19
N LEU C 214 25.23 -7.99 7.91
CA LEU C 214 24.16 -6.99 7.58
C LEU C 214 24.49 -6.30 6.25
N ALA C 215 25.77 -6.06 5.98
CA ALA C 215 26.28 -5.46 4.72
C ALA C 215 26.03 -6.42 3.55
N GLU C 216 26.25 -7.72 3.76
CA GLU C 216 26.05 -8.80 2.75
C GLU C 216 24.57 -8.89 2.34
N CYS C 217 23.65 -8.61 3.27
CA CYS C 217 22.18 -8.71 3.09
C CYS C 217 21.59 -7.36 2.65
N GLY C 218 22.43 -6.34 2.45
CA GLY C 218 22.01 -5.00 1.99
C GLY C 218 21.22 -4.26 3.06
N LEU C 219 21.73 -4.22 4.29
CA LEU C 219 21.16 -3.48 5.45
C LEU C 219 22.22 -2.52 5.99
N THR C 220 22.02 -1.21 5.77
CA THR C 220 22.99 -0.14 6.16
C THR C 220 22.80 0.21 7.65
N VAL C 221 23.88 0.16 8.43
CA VAL C 221 23.93 0.51 9.88
C VAL C 221 23.86 2.05 9.99
N VAL C 222 22.95 2.56 10.82
CA VAL C 222 22.80 4.02 11.11
C VAL C 222 23.22 4.28 12.57
N ARG C 223 22.86 3.38 13.49
CA ARG C 223 23.33 3.39 14.92
C ARG C 223 23.86 2.00 15.27
N SER C 224 24.91 1.95 16.11
CA SER C 224 25.54 0.70 16.61
C SER C 224 26.04 0.92 18.05
N ALA C 225 25.24 0.54 19.05
CA ALA C 225 25.58 0.56 20.48
C ALA C 225 26.09 -0.82 20.90
N SER C 226 27.06 -0.86 21.82
CA SER C 226 27.69 -2.11 22.34
C SER C 226 28.10 -1.92 23.80
N ASN C 227 27.59 -2.79 24.69
CA ASN C 227 28.01 -2.87 26.12
C ASN C 227 28.96 -4.06 26.28
N LEU C 228 29.24 -4.48 27.51
CA LEU C 228 30.19 -5.57 27.84
C LEU C 228 29.66 -6.92 27.34
N PHE C 229 28.34 -7.07 27.22
CA PHE C 229 27.65 -8.36 26.97
C PHE C 229 27.11 -8.44 25.53
N ALA C 230 26.57 -7.34 25.00
CA ALA C 230 25.71 -7.32 23.79
C ALA C 230 26.18 -6.30 22.75
N HIS C 231 25.73 -6.47 21.51
CA HIS C 231 25.77 -5.47 20.40
C HIS C 231 24.35 -5.22 19.91
N CYS C 232 23.93 -3.95 19.84
CA CYS C 232 22.62 -3.52 19.26
C CYS C 232 22.87 -2.52 18.13
N VAL C 233 22.29 -2.79 16.95
CA VAL C 233 22.47 -1.96 15.72
C VAL C 233 21.10 -1.67 15.09
N THR C 234 20.87 -0.41 14.72
CA THR C 234 19.72 0.04 13.89
C THR C 234 20.17 0.03 12.42
N VAL C 235 19.38 -0.57 11.52
CA VAL C 235 19.73 -0.75 10.09
C VAL C 235 18.56 -0.27 9.21
N LEU C 236 18.87 0.15 7.98
CA LEU C 236 17.90 0.54 6.93
C LEU C 236 18.13 -0.33 5.69
N PRO C 237 17.07 -0.94 5.09
CA PRO C 237 17.20 -1.62 3.81
C PRO C 237 17.59 -0.65 2.68
N GLU C 238 18.54 -1.05 1.83
CA GLU C 238 19.04 -0.25 0.67
C GLU C 238 17.91 -0.07 -0.34
N GLY C 239 17.46 1.17 -0.55
CA GLY C 239 16.40 1.53 -1.51
C GLY C 239 15.08 1.86 -0.82
N ALA C 240 14.96 1.56 0.48
CA ALA C 240 13.76 1.81 1.31
C ALA C 240 13.50 3.32 1.40
N ASP C 241 12.22 3.71 1.51
CA ASP C 241 11.77 5.13 1.62
C ASP C 241 12.17 5.66 3.00
N GLN C 242 12.61 6.92 3.06
CA GLN C 242 13.04 7.61 4.31
C GLN C 242 12.37 8.99 4.37
N GLY C 243 11.04 9.02 4.22
CA GLY C 243 10.21 10.24 4.31
C GLY C 243 9.55 10.38 5.67
N PHE C 244 8.73 11.41 5.85
CA PHE C 244 7.99 11.73 7.10
C PHE C 244 6.49 11.56 6.86
N SER D 14 33.17 28.40 -6.57
CA SER D 14 32.81 29.42 -5.52
C SER D 14 33.83 30.56 -5.54
N ALA D 15 33.86 31.34 -6.62
CA ALA D 15 34.76 32.50 -6.83
C ALA D 15 33.99 33.82 -6.70
N PHE D 16 32.65 33.75 -6.62
CA PHE D 16 31.73 34.92 -6.52
C PHE D 16 31.87 35.56 -5.13
N TYR D 17 32.07 34.74 -4.09
CA TYR D 17 32.03 35.15 -2.66
C TYR D 17 33.39 35.70 -2.20
N GLU D 18 34.37 35.76 -3.10
CA GLU D 18 35.66 36.48 -2.89
C GLU D 18 35.43 37.99 -3.00
N LEU D 19 34.32 38.41 -3.64
CA LEU D 19 33.88 39.82 -3.72
C LEU D 19 33.49 40.32 -2.33
N GLU D 20 33.68 41.62 -2.07
CA GLU D 20 33.47 42.28 -0.74
C GLU D 20 32.02 42.09 -0.30
N PHE D 21 31.06 42.44 -1.17
CA PHE D 21 29.59 42.41 -0.89
C PHE D 21 28.94 41.20 -1.57
N GLY D 22 29.69 40.10 -1.72
CA GLY D 22 29.20 38.84 -2.30
C GLY D 22 28.34 38.07 -1.29
N PRO D 23 28.91 37.62 -0.16
CA PRO D 23 28.13 36.95 0.89
C PRO D 23 27.06 37.85 1.55
N ARG D 24 27.28 39.17 1.56
CA ARG D 24 26.38 40.17 2.20
C ARG D 24 25.02 40.16 1.49
N THR D 25 25.01 40.39 0.17
CA THR D 25 23.81 40.53 -0.68
C THR D 25 22.98 39.24 -0.67
N ILE D 26 23.64 38.07 -0.59
CA ILE D 26 22.99 36.73 -0.68
C ILE D 26 22.37 36.36 0.66
N MET D 27 23.01 36.70 1.80
CA MET D 27 22.65 36.18 3.14
C MET D 27 21.92 37.24 3.98
N THR D 28 21.70 38.45 3.45
CA THR D 28 20.97 39.55 4.14
C THR D 28 19.47 39.25 4.09
N LEU D 29 18.80 39.21 5.24
CA LEU D 29 17.35 38.88 5.40
C LEU D 29 16.49 39.87 4.61
N ALA D 30 16.94 41.12 4.47
CA ALA D 30 16.26 42.19 3.70
C ALA D 30 15.97 41.72 2.27
N ASN D 31 16.82 40.86 1.71
CA ASN D 31 16.78 40.41 0.29
C ASN D 31 16.04 39.07 0.18
N PHE D 32 15.54 38.52 1.29
CA PHE D 32 14.84 37.20 1.36
C PHE D 32 13.35 37.39 1.10
N PRO D 33 12.76 36.69 0.09
CA PRO D 33 11.30 36.49 0.04
C PRO D 33 10.81 35.69 1.25
N ASP D 34 9.53 35.83 1.60
CA ASP D 34 8.88 35.17 2.77
C ASP D 34 8.87 33.65 2.58
N ASP D 35 8.92 33.18 1.34
CA ASP D 35 8.84 31.73 0.97
C ASP D 35 10.17 31.02 1.22
N VAL D 36 11.21 31.73 1.67
CA VAL D 36 12.56 31.18 1.98
C VAL D 36 12.54 30.54 3.37
N LEU D 37 11.80 31.13 4.32
CA LEU D 37 11.73 30.67 5.74
C LEU D 37 11.50 29.17 5.83
N PRO D 38 10.46 28.61 5.15
CA PRO D 38 10.23 27.16 5.14
C PRO D 38 11.48 26.30 4.90
N LEU D 39 12.31 26.67 3.92
CA LEU D 39 13.59 25.99 3.59
C LEU D 39 14.51 26.02 4.82
N LEU D 40 14.71 27.20 5.40
CA LEU D 40 15.62 27.44 6.55
C LEU D 40 15.16 26.64 7.77
N GLN D 41 13.85 26.63 8.04
CA GLN D 41 13.22 25.98 9.22
C GLN D 41 13.39 24.46 9.12
N MET D 42 13.04 23.87 7.97
CA MET D 42 13.15 22.41 7.70
C MET D 42 14.60 21.96 7.93
N GLU D 43 15.56 22.71 7.35
CA GLU D 43 17.02 22.46 7.44
C GLU D 43 17.47 22.52 8.91
N SER D 44 16.94 23.48 9.68
CA SER D 44 17.27 23.72 11.11
C SER D 44 16.80 22.53 11.96
N LEU D 45 15.57 22.05 11.73
CA LEU D 45 14.94 20.95 12.49
C LEU D 45 15.60 19.61 12.14
N MET D 46 15.94 19.41 10.86
CA MET D 46 16.65 18.21 10.34
C MET D 46 18.02 18.08 11.02
N THR D 47 18.78 19.18 11.06
CA THR D 47 20.12 19.28 11.71
C THR D 47 19.97 18.94 13.20
N PHE D 48 19.15 19.71 13.91
CA PHE D 48 18.90 19.62 15.38
C PHE D 48 18.67 18.15 15.79
N GLU D 49 17.80 17.46 15.07
CA GLU D 49 17.36 16.06 15.39
C GLU D 49 18.48 15.07 15.05
N ALA D 50 19.18 15.30 13.93
CA ALA D 50 20.30 14.45 13.44
C ALA D 50 21.43 14.43 14.48
N MET D 51 21.69 15.56 15.13
CA MET D 51 22.75 15.72 16.15
C MET D 51 22.42 14.86 17.38
N ALA D 52 21.17 14.92 17.84
CA ALA D 52 20.67 14.23 19.06
C ALA D 52 20.70 12.71 18.85
N TYR D 53 20.29 12.22 17.68
CA TYR D 53 20.18 10.78 17.36
C TYR D 53 21.58 10.18 17.10
N LEU D 54 22.37 10.85 16.25
CA LEU D 54 23.74 10.40 15.86
C LEU D 54 24.76 10.83 16.92
N ARG D 55 24.31 11.49 18.00
CA ARG D 55 25.11 11.83 19.21
C ARG D 55 26.34 12.65 18.81
N CYS D 56 26.18 13.59 17.89
CA CYS D 56 27.24 14.52 17.43
C CYS D 56 27.45 15.60 18.51
N ASP D 57 28.66 15.65 19.08
CA ASP D 57 29.03 16.60 20.17
C ASP D 57 29.51 17.93 19.57
N ALA D 58 29.61 18.03 18.25
CA ALA D 58 30.09 19.22 17.51
C ALA D 58 29.28 19.41 16.22
N LEU D 59 29.02 20.67 15.85
CA LEU D 59 28.36 21.08 14.58
C LEU D 59 29.30 22.01 13.80
N VAL D 60 29.70 21.60 12.59
CA VAL D 60 30.52 22.42 11.66
C VAL D 60 29.60 22.95 10.55
N GLU D 61 29.23 24.23 10.61
CA GLU D 61 28.41 24.91 9.57
C GLU D 61 29.33 25.46 8.49
N LEU D 62 29.33 24.84 7.31
CA LEU D 62 30.03 25.32 6.09
C LEU D 62 29.18 26.42 5.46
N GLY D 63 29.72 27.63 5.31
CA GLY D 63 28.99 28.82 4.86
C GLY D 63 28.02 29.30 5.92
N CYS D 64 28.55 29.60 7.12
CA CYS D 64 27.79 29.98 8.33
C CYS D 64 27.34 31.44 8.25
N TYR D 65 28.09 32.28 7.53
CA TYR D 65 27.90 33.75 7.42
C TYR D 65 28.04 34.37 8.82
N ASP D 66 26.93 34.63 9.52
CA ASP D 66 26.91 35.24 10.87
C ASP D 66 26.47 34.18 11.90
N GLY D 67 26.74 32.90 11.63
CA GLY D 67 26.37 31.76 12.48
C GLY D 67 24.87 31.50 12.44
N ARG D 68 24.37 31.00 11.31
CA ARG D 68 22.93 30.77 11.04
C ARG D 68 22.44 29.49 11.73
N ALA D 69 23.37 28.64 12.19
CA ALA D 69 23.08 27.37 12.89
C ALA D 69 23.78 27.32 14.26
N LEU D 70 24.16 28.48 14.81
CA LEU D 70 24.81 28.59 16.14
C LEU D 70 23.79 28.23 17.23
N GLU D 71 22.53 28.62 17.04
CA GLU D 71 21.42 28.46 18.02
C GLU D 71 21.12 26.97 18.22
N ILE D 72 21.30 26.15 17.18
CA ILE D 72 21.13 24.66 17.23
C ILE D 72 22.16 24.09 18.19
N ALA D 73 23.44 24.45 18.01
CA ALA D 73 24.60 23.99 18.81
C ALA D 73 24.46 24.45 20.26
N ARG D 74 23.90 25.65 20.47
CA ARG D 74 23.75 26.28 21.81
C ARG D 74 22.74 25.48 22.65
N LEU D 75 21.57 25.16 22.08
CA LEU D 75 20.45 24.48 22.78
C LEU D 75 20.80 23.03 23.11
N LEU D 76 21.60 22.37 22.26
CA LEU D 76 22.07 20.97 22.47
C LEU D 76 23.27 20.95 23.41
N ASN D 77 23.88 22.12 23.68
CA ASN D 77 25.07 22.28 24.56
C ASN D 77 26.26 21.60 23.88
N ALA D 78 26.34 21.70 22.55
CA ALA D 78 27.37 21.07 21.69
C ALA D 78 28.36 22.14 21.22
N ARG D 79 29.53 21.71 20.71
CA ARG D 79 30.57 22.58 20.13
C ARG D 79 30.09 23.09 18.76
N TYR D 80 30.66 24.20 18.28
CA TYR D 80 30.28 24.85 17.00
C TYR D 80 31.53 25.42 16.32
N LEU D 81 31.65 25.21 15.01
CA LEU D 81 32.68 25.86 14.14
C LEU D 81 31.97 26.49 12.93
N GLY D 82 32.13 27.80 12.74
CA GLY D 82 31.63 28.55 11.57
C GLY D 82 32.72 28.77 10.54
N VAL D 83 32.48 28.35 9.29
CA VAL D 83 33.41 28.49 8.15
C VAL D 83 32.74 29.37 7.08
N ASP D 84 33.38 30.48 6.71
CA ASP D 84 32.88 31.44 5.68
C ASP D 84 34.03 32.36 5.24
N LEU D 85 33.92 32.93 4.04
CA LEU D 85 34.93 33.86 3.45
C LEU D 85 34.68 35.29 3.94
N ASP D 86 33.41 35.62 4.26
CA ASP D 86 33.00 36.98 4.73
C ASP D 86 33.65 37.26 6.09
N GLN D 87 34.65 38.13 6.12
CA GLN D 87 35.38 38.55 7.35
C GLN D 87 34.43 39.30 8.28
N ARG D 88 33.56 40.14 7.72
CA ARG D 88 32.65 41.06 8.46
C ARG D 88 31.55 40.25 9.16
N ALA D 89 31.08 39.17 8.53
CA ALA D 89 30.01 38.28 9.06
C ALA D 89 30.57 37.40 10.18
N ILE D 90 31.82 36.95 10.04
CA ILE D 90 32.55 36.14 11.07
C ILE D 90 32.80 37.02 12.31
N GLU D 91 33.02 38.32 12.11
CA GLU D 91 33.22 39.31 13.20
C GLU D 91 31.93 39.44 14.02
N THR D 92 30.77 39.44 13.35
CA THR D 92 29.42 39.45 13.98
C THR D 92 29.25 38.18 14.83
N LEU D 93 29.63 37.02 14.26
CA LEU D 93 29.53 35.69 14.91
C LEU D 93 30.46 35.63 16.13
N ARG D 94 31.68 36.14 16.00
CA ARG D 94 32.71 36.16 17.09
C ARG D 94 32.20 37.00 18.26
N THR D 95 31.60 38.17 17.98
CA THR D 95 30.97 39.07 18.99
C THR D 95 29.79 38.35 19.64
N ARG D 96 28.99 37.64 18.84
CA ARG D 96 27.75 36.93 19.28
C ARG D 96 28.13 35.78 20.22
N ILE D 97 29.15 35.00 19.86
CA ILE D 97 29.69 33.86 20.66
C ILE D 97 30.14 34.37 22.04
N GLU D 98 30.79 35.53 22.07
CA GLU D 98 31.32 36.17 23.32
C GLU D 98 30.17 36.63 24.21
N ARG D 99 29.18 37.32 23.63
CA ARG D 99 28.05 37.94 24.38
C ARG D 99 27.12 36.85 24.95
N GLU D 100 26.94 35.73 24.24
CA GLU D 100 26.08 34.60 24.66
C GLU D 100 26.89 33.61 25.50
N GLY D 101 28.20 33.84 25.66
CA GLY D 101 29.09 33.08 26.55
C GLY D 101 29.32 31.66 26.05
N MET D 102 29.67 31.52 24.77
CA MET D 102 29.99 30.21 24.11
C MET D 102 31.46 30.18 23.69
N SER D 103 32.28 31.09 24.24
CA SER D 103 33.72 31.27 23.89
C SER D 103 34.48 29.94 24.03
N ASP D 104 34.10 29.11 25.01
CA ASP D 104 34.77 27.82 25.34
C ASP D 104 34.33 26.71 24.38
N ARG D 105 33.09 26.76 23.88
CA ARG D 105 32.48 25.69 23.05
C ARG D 105 32.48 26.08 21.56
N ALA D 106 32.25 27.36 21.24
CA ALA D 106 32.09 27.87 19.86
C ALA D 106 33.37 28.55 19.38
N ASP D 107 33.65 28.45 18.07
CA ASP D 107 34.84 29.06 17.39
C ASP D 107 34.47 29.35 15.93
N THR D 108 35.28 30.14 15.22
CA THR D 108 35.09 30.51 13.80
C THR D 108 36.43 30.42 13.04
N VAL D 109 36.36 30.30 11.71
CA VAL D 109 37.53 30.41 10.78
C VAL D 109 37.07 31.18 9.54
N VAL D 110 37.94 32.04 9.00
CA VAL D 110 37.75 32.75 7.70
C VAL D 110 38.63 32.05 6.66
N ASP D 111 38.05 31.09 5.94
CA ASP D 111 38.76 30.20 4.97
C ASP D 111 37.75 29.63 3.96
N ASP D 112 38.24 29.19 2.81
CA ASP D 112 37.45 28.45 1.78
C ASP D 112 36.93 27.15 2.42
N ILE D 113 35.66 26.81 2.17
CA ILE D 113 34.98 25.59 2.68
C ILE D 113 35.84 24.35 2.36
N LEU D 114 36.33 24.26 1.12
CA LEU D 114 37.03 23.06 0.59
C LEU D 114 38.39 22.89 1.28
N ASN D 115 39.03 24.00 1.68
CA ASN D 115 40.31 24.00 2.45
C ASN D 115 40.10 23.30 3.80
N HIS D 116 39.07 23.72 4.55
CA HIS D 116 38.74 23.21 5.91
C HIS D 116 38.44 21.71 5.87
N THR D 117 37.53 21.29 4.99
CA THR D 117 37.05 19.88 4.87
C THR D 117 38.21 18.97 4.47
N ARG D 118 39.22 19.49 3.78
CA ARG D 118 40.39 18.73 3.27
C ARG D 118 41.51 18.70 4.33
N ARG D 119 41.86 19.85 4.91
CA ARG D 119 43.12 20.03 5.71
C ARG D 119 42.83 20.53 7.13
N GLY D 120 41.59 20.88 7.47
CA GLY D 120 41.20 21.35 8.82
C GLY D 120 41.25 20.22 9.83
N ALA D 121 41.45 20.56 11.11
CA ALA D 121 41.45 19.60 12.25
C ALA D 121 40.01 19.22 12.60
N SER D 122 39.82 18.05 13.20
CA SER D 122 38.50 17.50 13.64
C SER D 122 37.92 18.39 14.75
N VAL D 123 36.63 18.68 14.67
CA VAL D 123 35.84 19.41 15.72
C VAL D 123 35.08 18.37 16.54
N GLY D 124 35.48 18.17 17.81
CA GLY D 124 34.86 17.19 18.73
C GLY D 124 35.12 15.76 18.30
N SER D 125 34.54 14.80 19.03
CA SER D 125 34.66 13.34 18.79
C SER D 125 33.82 12.94 17.57
N ARG D 126 32.57 13.41 17.49
CA ARG D 126 31.62 13.14 16.38
C ARG D 126 31.10 14.47 15.83
N ALA D 127 31.52 14.85 14.63
CA ALA D 127 31.17 16.13 13.96
C ALA D 127 30.09 15.88 12.90
N LEU D 128 29.04 16.72 12.89
CA LEU D 128 28.02 16.80 11.81
C LEU D 128 28.30 18.04 10.96
N TYR D 129 28.37 17.88 9.64
CA TYR D 129 28.72 18.95 8.67
C TYR D 129 27.44 19.44 7.96
N LEU D 130 27.04 20.66 8.28
CA LEU D 130 25.83 21.33 7.72
C LEU D 130 26.23 22.06 6.43
N LEU D 131 25.55 21.75 5.32
CA LEU D 131 25.63 22.47 4.02
C LEU D 131 24.31 23.19 3.78
N PRO D 132 24.11 24.37 4.40
CA PRO D 132 22.79 25.00 4.46
C PRO D 132 22.45 25.92 3.26
N PHE D 133 21.16 26.20 3.09
CA PHE D 133 20.62 27.28 2.22
C PHE D 133 21.16 27.13 0.79
N ASN D 134 21.07 25.91 0.24
CA ASN D 134 21.45 25.58 -1.17
C ASN D 134 22.90 25.99 -1.42
N LEU D 135 23.82 25.60 -0.53
CA LEU D 135 25.28 25.85 -0.67
C LEU D 135 25.85 24.93 -1.75
N LEU D 136 25.50 23.64 -1.72
CA LEU D 136 25.97 22.61 -2.67
C LEU D 136 25.66 23.02 -4.12
N GLY D 137 24.56 23.76 -4.32
CA GLY D 137 24.13 24.28 -5.62
C GLY D 137 25.06 25.34 -6.18
N ASN D 138 25.92 25.94 -5.34
CA ASN D 138 26.86 27.03 -5.72
C ASN D 138 28.20 26.45 -6.18
N PHE D 139 28.31 25.12 -6.31
CA PHE D 139 29.51 24.41 -6.82
C PHE D 139 29.17 23.75 -8.16
N ARG D 140 29.94 24.07 -9.21
CA ARG D 140 29.81 23.49 -10.57
C ARG D 140 30.39 22.07 -10.59
N GLU D 141 31.33 21.80 -9.67
CA GLU D 141 31.87 20.44 -9.39
C GLU D 141 31.61 20.09 -7.93
N PRO D 142 30.36 19.73 -7.56
CA PRO D 142 30.01 19.49 -6.16
C PRO D 142 30.60 18.20 -5.57
N LYS D 143 30.96 17.24 -6.45
CA LYS D 143 31.55 15.92 -6.06
C LYS D 143 32.85 16.16 -5.27
N ARG D 144 33.60 17.21 -5.62
CA ARG D 144 34.87 17.60 -4.95
C ARG D 144 34.62 17.89 -3.47
N LEU D 145 33.51 18.56 -3.17
CA LEU D 145 33.10 18.95 -1.78
C LEU D 145 32.54 17.74 -1.03
N LEU D 146 31.70 16.93 -1.68
CA LEU D 146 31.01 15.77 -1.06
C LEU D 146 32.02 14.65 -0.77
N ASP D 147 33.03 14.48 -1.62
CA ASP D 147 34.10 13.48 -1.46
C ASP D 147 34.96 13.84 -0.24
N SER D 148 35.12 15.13 0.05
CA SER D 148 35.93 15.66 1.19
C SER D 148 35.23 15.36 2.52
N LEU D 149 33.89 15.44 2.56
CA LEU D 149 33.05 15.13 3.74
C LEU D 149 33.17 13.64 4.09
N ALA D 150 33.10 12.78 3.06
CA ALA D 150 33.04 11.30 3.17
C ALA D 150 34.29 10.75 3.87
N GLU D 151 35.45 11.41 3.68
CA GLU D 151 36.78 10.89 4.10
C GLU D 151 37.15 11.37 5.51
N ARG D 152 36.19 11.93 6.27
CA ARG D 152 36.43 12.38 7.68
C ARG D 152 35.15 12.27 8.52
N SER D 153 34.23 13.24 8.38
CA SER D 153 33.14 13.55 9.35
C SER D 153 32.22 12.34 9.57
N VAL D 154 31.48 12.35 10.68
CA VAL D 154 30.57 11.26 11.13
C VAL D 154 29.29 11.26 10.29
N ALA D 155 28.72 12.45 10.04
CA ALA D 155 27.45 12.64 9.29
C ALA D 155 27.47 14.00 8.59
N ALA D 156 26.38 14.34 7.89
CA ALA D 156 26.20 15.63 7.19
C ALA D 156 24.72 15.86 6.86
N VAL D 157 24.29 17.12 6.89
CA VAL D 157 22.93 17.58 6.48
C VAL D 157 23.09 18.51 5.27
N VAL D 158 22.46 18.16 4.15
CA VAL D 158 22.58 18.87 2.84
C VAL D 158 21.21 19.45 2.47
N SER D 159 21.09 20.79 2.53
CA SER D 159 19.87 21.55 2.16
C SER D 159 20.07 22.20 0.77
N VAL D 160 19.12 21.98 -0.14
CA VAL D 160 19.15 22.53 -1.54
C VAL D 160 17.72 22.92 -1.94
N PHE D 161 17.60 23.87 -2.88
CA PHE D 161 16.32 24.30 -3.50
C PHE D 161 15.79 23.17 -4.40
N GLY D 162 14.46 23.15 -4.61
CA GLY D 162 13.77 22.16 -5.45
C GLY D 162 13.64 22.63 -6.89
N ASP D 163 13.22 21.73 -7.78
CA ASP D 163 13.04 21.98 -9.24
C ASP D 163 11.58 22.34 -9.54
N SER D 164 10.76 22.54 -8.51
CA SER D 164 9.32 22.90 -8.63
C SER D 164 9.18 24.31 -9.20
N ALA D 165 8.01 24.64 -9.76
CA ALA D 165 7.69 25.94 -10.39
C ALA D 165 7.76 27.06 -9.34
N GLU D 166 7.25 26.81 -8.14
CA GLU D 166 7.22 27.79 -7.01
C GLU D 166 8.66 28.10 -6.55
N ALA D 167 9.49 27.06 -6.42
CA ALA D 167 10.92 27.16 -5.99
C ALA D 167 11.65 28.14 -6.91
N THR D 168 11.59 27.89 -8.23
CA THR D 168 12.28 28.68 -9.28
C THR D 168 11.81 30.15 -9.24
N ARG D 169 10.51 30.38 -8.96
CA ARG D 169 9.90 31.74 -8.88
C ARG D 169 10.50 32.48 -7.68
N VAL D 170 10.50 31.85 -6.50
CA VAL D 170 11.05 32.41 -5.23
C VAL D 170 12.54 32.74 -5.43
N ARG D 171 13.28 31.83 -6.08
CA ARG D 171 14.74 31.97 -6.38
C ARG D 171 14.95 33.18 -7.30
N GLN D 172 14.22 33.26 -8.41
CA GLN D 172 14.29 34.36 -9.41
C GLN D 172 14.06 35.70 -8.69
N SER D 173 13.02 35.77 -7.85
CA SER D 173 12.68 36.94 -7.00
C SER D 173 13.81 37.23 -6.01
N TYR D 174 14.37 36.17 -5.41
CA TYR D 174 15.41 36.22 -4.34
C TYR D 174 16.72 36.79 -4.90
N TYR D 175 17.23 36.24 -6.01
CA TYR D 175 18.52 36.61 -6.64
C TYR D 175 18.42 38.03 -7.23
N ARG D 176 17.23 38.43 -7.68
CA ARG D 176 16.94 39.78 -8.23
C ARG D 176 17.08 40.83 -7.12
N ARG D 177 16.54 40.55 -5.93
CA ARG D 177 16.59 41.43 -4.74
C ARG D 177 18.05 41.56 -4.27
N CYS D 178 18.82 40.47 -4.33
CA CYS D 178 20.26 40.41 -3.97
C CYS D 178 21.07 41.31 -4.91
N GLY D 179 20.63 41.43 -6.17
CA GLY D 179 21.24 42.31 -7.19
C GLY D 179 22.35 41.60 -7.94
N VAL D 180 22.07 40.41 -8.47
CA VAL D 180 23.00 39.60 -9.31
C VAL D 180 22.98 40.19 -10.73
N GLN D 181 24.07 40.85 -11.14
CA GLN D 181 24.20 41.54 -12.45
C GLN D 181 24.21 40.49 -13.57
N GLY D 182 23.38 40.68 -14.60
CA GLY D 182 23.23 39.77 -15.75
C GLY D 182 22.71 38.41 -15.34
N LEU D 183 21.60 38.38 -14.59
CA LEU D 183 20.96 37.14 -14.09
C LEU D 183 20.27 36.43 -15.27
N GLU D 184 20.62 35.16 -15.51
CA GLU D 184 20.05 34.29 -16.56
C GLU D 184 19.46 33.04 -15.92
N LEU D 185 18.38 32.49 -16.51
CA LEU D 185 17.72 31.24 -16.06
C LEU D 185 17.94 30.15 -17.11
N HIS D 186 18.62 29.06 -16.72
CA HIS D 186 18.90 27.87 -17.57
C HIS D 186 18.15 26.65 -17.01
N THR D 187 17.09 26.22 -17.70
CA THR D 187 16.24 25.06 -17.31
C THR D 187 16.94 23.76 -17.74
N ARG D 188 17.04 22.80 -16.80
CA ARG D 188 17.59 21.43 -17.03
C ARG D 188 16.59 20.41 -16.47
N ASP D 189 16.66 19.16 -16.92
CA ASP D 189 15.83 18.02 -16.43
C ASP D 189 16.07 17.84 -14.92
N ASP D 190 17.33 17.95 -14.48
CA ASP D 190 17.75 17.74 -13.07
C ASP D 190 17.22 18.88 -12.20
N GLY D 191 17.62 20.12 -12.51
CA GLY D 191 17.26 21.34 -11.74
C GLY D 191 17.24 22.57 -12.62
N THR D 192 17.20 23.76 -12.00
CA THR D 192 17.25 25.09 -12.68
C THR D 192 18.52 25.82 -12.26
N VAL D 193 19.35 26.22 -13.23
CA VAL D 193 20.67 26.89 -13.00
C VAL D 193 20.49 28.40 -13.23
N PHE D 194 20.93 29.21 -12.26
CA PHE D 194 20.99 30.69 -12.33
C PHE D 194 22.45 31.13 -12.37
N THR D 195 22.83 31.91 -13.38
CA THR D 195 24.21 32.44 -13.61
C THR D 195 24.19 33.97 -13.61
N GLY D 196 25.32 34.58 -13.24
CA GLY D 196 25.51 36.04 -13.21
C GLY D 196 26.84 36.45 -13.84
N SER D 197 26.98 37.75 -14.16
CA SER D 197 28.19 38.33 -14.81
C SER D 197 29.37 38.37 -13.84
N ASP D 198 29.09 38.42 -12.53
CA ASP D 198 30.11 38.54 -11.45
C ASP D 198 30.77 37.18 -11.18
N GLY D 199 30.33 36.12 -11.88
CA GLY D 199 30.79 34.74 -11.66
C GLY D 199 29.85 33.98 -10.73
N PHE D 200 28.65 34.52 -10.50
CA PHE D 200 27.58 33.90 -9.67
C PHE D 200 27.09 32.62 -10.37
N TYR D 201 27.03 31.51 -9.64
CA TYR D 201 26.44 30.21 -10.07
C TYR D 201 25.63 29.65 -8.90
N SER D 202 24.41 29.17 -9.20
CA SER D 202 23.48 28.55 -8.22
C SER D 202 22.45 27.70 -8.96
N ARG D 203 22.47 26.38 -8.74
CA ARG D 203 21.52 25.40 -9.34
C ARG D 203 20.65 24.80 -8.22
N SER D 204 19.44 24.37 -8.58
CA SER D 204 18.53 23.56 -7.72
C SER D 204 18.72 22.07 -8.07
N TYR D 205 18.08 21.18 -7.32
CA TYR D 205 18.16 19.70 -7.49
C TYR D 205 16.77 19.09 -7.44
N SER D 206 16.57 17.96 -8.13
CA SER D 206 15.42 17.05 -7.99
C SER D 206 15.76 16.00 -6.92
N ARG D 207 14.74 15.51 -6.20
CA ARG D 207 14.87 14.48 -5.14
C ARG D 207 15.70 13.30 -5.66
N ALA D 208 15.52 12.94 -6.93
CA ALA D 208 16.22 11.82 -7.61
C ALA D 208 17.71 12.17 -7.81
N CYS D 209 17.99 13.34 -8.40
CA CYS D 209 19.36 13.81 -8.79
C CYS D 209 20.23 13.98 -7.54
N LEU D 210 19.67 14.53 -6.46
CA LEU D 210 20.37 14.77 -5.17
C LEU D 210 20.81 13.43 -4.57
N HIS D 211 19.87 12.49 -4.40
CA HIS D 211 20.09 11.13 -3.85
C HIS D 211 21.11 10.37 -4.71
N ALA D 212 21.07 10.57 -6.03
CA ALA D 212 21.97 9.93 -7.02
C ALA D 212 23.39 10.47 -6.85
N LEU D 213 23.54 11.80 -6.75
CA LEU D 213 24.85 12.50 -6.58
C LEU D 213 25.50 12.07 -5.27
N LEU D 214 24.71 12.00 -4.18
CA LEU D 214 25.18 11.60 -2.82
C LEU D 214 25.60 10.13 -2.82
N ALA D 215 24.88 9.28 -3.56
CA ALA D 215 25.16 7.83 -3.73
C ALA D 215 26.50 7.65 -4.46
N GLU D 216 26.75 8.45 -5.51
CA GLU D 216 28.00 8.43 -6.32
C GLU D 216 29.21 8.72 -5.41
N CYS D 217 29.06 9.66 -4.47
CA CYS D 217 30.15 10.15 -3.58
C CYS D 217 30.24 9.30 -2.29
N GLY D 218 29.43 8.26 -2.18
CA GLY D 218 29.46 7.30 -1.05
C GLY D 218 28.88 7.90 0.22
N LEU D 219 27.72 8.56 0.11
CA LEU D 219 26.95 9.14 1.24
C LEU D 219 25.54 8.54 1.23
N THR D 220 25.23 7.68 2.20
CA THR D 220 23.93 6.96 2.33
C THR D 220 22.91 7.87 3.02
N VAL D 221 21.74 8.05 2.39
CA VAL D 221 20.62 8.90 2.89
C VAL D 221 19.90 8.14 4.01
N VAL D 222 19.89 8.71 5.22
CA VAL D 222 19.20 8.14 6.43
C VAL D 222 17.81 8.78 6.53
N ARG D 223 17.74 10.11 6.44
CA ARG D 223 16.48 10.90 6.40
C ARG D 223 16.46 11.74 5.11
N SER D 224 15.27 11.99 4.57
CA SER D 224 15.04 12.84 3.37
C SER D 224 13.71 13.58 3.50
N ALA D 225 13.76 14.86 3.93
CA ALA D 225 12.63 15.79 4.01
C ALA D 225 12.57 16.63 2.74
N SER D 226 11.36 16.99 2.30
CA SER D 226 11.09 17.87 1.14
C SER D 226 9.82 18.69 1.38
N ASN D 227 9.78 19.93 0.90
CA ASN D 227 8.60 20.82 0.90
C ASN D 227 8.42 21.38 -0.51
N LEU D 228 7.62 22.45 -0.65
CA LEU D 228 7.29 23.07 -1.96
C LEU D 228 8.53 23.72 -2.58
N PHE D 229 9.52 24.09 -1.76
CA PHE D 229 10.67 24.96 -2.16
C PHE D 229 12.01 24.19 -2.11
N ALA D 230 12.20 23.30 -1.14
CA ALA D 230 13.52 22.74 -0.75
C ALA D 230 13.49 21.22 -0.62
N HIS D 231 14.68 20.60 -0.70
CA HIS D 231 14.98 19.20 -0.29
C HIS D 231 16.10 19.22 0.75
N CYS D 232 15.88 18.61 1.92
CA CYS D 232 16.90 18.43 2.99
C CYS D 232 17.08 16.94 3.28
N VAL D 233 18.33 16.47 3.32
CA VAL D 233 18.68 15.04 3.52
C VAL D 233 19.81 14.94 4.57
N THR D 234 19.71 13.95 5.47
CA THR D 234 20.77 13.59 6.46
C THR D 234 21.50 12.35 5.92
N VAL D 235 22.83 12.45 5.73
CA VAL D 235 23.66 11.42 5.05
C VAL D 235 24.77 10.95 6.00
N LEU D 236 25.14 9.67 5.90
CA LEU D 236 26.30 9.03 6.61
C LEU D 236 27.31 8.56 5.58
N PRO D 237 28.63 8.76 5.80
CA PRO D 237 29.65 8.14 4.96
C PRO D 237 29.69 6.62 5.16
N GLU D 238 29.84 5.86 4.07
CA GLU D 238 29.89 4.37 4.08
C GLU D 238 31.17 3.89 4.77
N SAH E . -17.80 -1.67 -24.14
CA SAH E . -18.02 -1.05 -25.49
CB SAH E . -19.46 -0.54 -25.64
CG SAH E . -20.50 -1.58 -25.28
SD SAH E . -22.17 -1.18 -25.88
C SAH E . -17.05 0.13 -25.68
O SAH E . -16.08 0.28 -24.94
OXT SAH E . -17.22 0.94 -26.58
C5' SAH E . -23.16 -2.37 -24.93
C4' SAH E . -24.51 -2.71 -25.51
O4' SAH E . -25.12 -1.52 -26.05
C3' SAH E . -24.49 -3.74 -26.65
O3' SAH E . -25.23 -4.89 -26.29
C2' SAH E . -25.15 -3.00 -27.82
O2' SAH E . -26.01 -3.83 -28.58
C1' SAH E . -25.95 -1.92 -27.11
N9 SAH E . -26.25 -0.76 -27.93
C8 SAH E . -25.36 0.16 -28.43
N7 SAH E . -25.93 1.10 -29.14
C5 SAH E . -27.28 0.78 -29.11
C6 SAH E . -28.41 1.39 -29.70
N6 SAH E . -28.35 2.50 -30.44
N1 SAH E . -29.61 0.81 -29.48
C2 SAH E . -29.67 -0.30 -28.74
N3 SAH E . -28.68 -0.97 -28.15
C4 SAH E . -27.49 -0.37 -28.38
N SAH F . -15.44 -20.58 -9.14
CA SAH F . -14.62 -21.76 -8.75
CB SAH F . -13.86 -21.50 -7.43
CG SAH F . -13.05 -20.22 -7.46
SD SAH F . -11.63 -20.24 -6.34
C SAH F . -15.53 -22.99 -8.57
O SAH F . -15.09 -24.02 -8.09
OXT SAH F . -16.71 -22.96 -8.91
C5' SAH F . -11.21 -18.47 -6.28
C4' SAH F . -9.82 -18.15 -5.81
O4' SAH F . -9.55 -18.83 -4.56
C3' SAH F . -8.70 -18.57 -6.77
O3' SAH F . -8.00 -17.43 -7.25
C2' SAH F . -7.77 -19.46 -5.92
O2' SAH F . -6.41 -19.18 -6.13
C1' SAH F . -8.18 -19.10 -4.50
N9 SAH F . -7.96 -20.17 -3.54
C8 SAH F . -8.61 -21.37 -3.48
N7 SAH F . -8.20 -22.14 -2.50
C5 SAH F . -7.24 -21.38 -1.86
C6 SAH F . -6.43 -21.64 -0.73
N6 SAH F . -6.49 -22.77 -0.04
N1 SAH F . -5.57 -20.67 -0.35
C2 SAH F . -5.52 -19.54 -1.06
N3 SAH F . -6.23 -19.19 -2.13
C4 SAH F . -7.08 -20.17 -2.48
N SAH G . 17.88 -15.49 24.50
CA SAH G . 18.02 -16.59 23.50
CB SAH G . 17.15 -16.33 22.26
CG SAH G . 15.75 -15.84 22.59
SD SAH G . 14.51 -16.24 21.35
C SAH G . 19.50 -16.69 23.08
O SAH G . 19.85 -17.46 22.18
OXT SAH G . 20.38 -16.02 23.63
C5' SAH G . 13.18 -15.12 21.80
C4' SAH G . 11.80 -15.52 21.32
O4' SAH G . 11.87 -15.84 19.91
C3' SAH G . 11.20 -16.75 22.01
O3' SAH G . 9.97 -16.42 22.64
C2' SAH G . 10.99 -17.75 20.87
O2' SAH G . 9.78 -18.49 21.00
C1' SAH G . 10.93 -16.85 19.66
N9 SAH G . 11.29 -17.52 18.41
C8 SAH G . 12.48 -18.12 18.11
N7 SAH G . 12.52 -18.65 16.92
C5 SAH G . 11.27 -18.36 16.39
C6 SAH G . 10.69 -18.65 15.13
N6 SAH G . 11.32 -19.31 14.17
N1 SAH G . 9.42 -18.22 14.92
C2 SAH G . 8.80 -17.56 15.89
N3 SAH G . 9.24 -17.23 17.11
C4 SAH G . 10.50 -17.67 17.29
N SAH H . 20.95 30.40 -0.96
CA SAH H . 21.99 30.72 -1.98
CB SAH H . 23.36 30.18 -1.58
CG SAH H . 23.82 30.64 -0.20
SD SAH H . 25.61 30.53 0.03
C SAH H . 21.58 30.10 -3.32
O SAH H . 20.43 29.68 -3.51
OXT SAH H . 22.38 30.02 -4.26
C5' SAH H . 25.74 30.41 1.84
C4' SAH H . 27.05 30.90 2.42
O4' SAH H . 28.13 30.10 1.87
C3' SAH H . 27.41 32.36 2.12
O3' SAH H . 27.56 33.09 3.33
C2' SAH H . 28.74 32.28 1.36
O2' SAH H . 29.65 33.30 1.73
C1' SAH H . 29.27 30.92 1.80
N9 SAH H . 30.22 30.32 0.88
C8 SAH H . 30.00 30.00 -0.45
N7 SAH H . 31.05 29.46 -1.03
C5 SAH H . 32.02 29.43 -0.04
C6 SAH H . 33.35 28.96 -0.03
N6 SAH H . 33.95 28.44 -1.09
N1 SAH H . 34.04 29.07 1.14
C2 SAH H . 33.42 29.60 2.20
N3 SAH H . 32.18 30.06 2.31
C4 SAH H . 31.51 29.95 1.14
#